data_8QAH
#
_entry.id   8QAH
#
_cell.length_a   46.054
_cell.length_b   78.587
_cell.length_c   98.174
_cell.angle_alpha   90.00
_cell.angle_beta   90.15
_cell.angle_gamma   90.00
#
_symmetry.space_group_name_H-M   'P 1 21 1'
#
loop_
_entity.id
_entity.type
_entity.pdbx_description
1 polymer sc-CC-8-58
2 water water
#
_entity_poly.entity_id   1
_entity_poly.type   'polypeptide(L)'
_entity_poly.pdbx_seq_one_letter_code
;GSHMLIYQAIKLIAQAIKVIAEAIKAIAEGDKERAKEAAEKARELYEKALELYKEAKKEGDLIAAAIALIAAAIAVIALA
IAAIAAGDKELAKEAAELAKEIYKLAEKLYKEAKKKGDLIAAAIALIAAAIAVIALAIAAIAAGDKELAKEAAKLAKEVY
KEAEELYREARKKGDLIAAAIALIAAAIAVIALAIAAIAAGDKELAKKAAELAEKVYKEALKVYKEARKKGDLIAAAIAL
IAAAIAVIALAIAAIAAGDKELAKKAAELAKKVLELAREIAKEARKKGDLIAAAIALIAAAIAVIALAIAAIAAGDKEEA
KEAYELAKEVYKEALEIAKEARKKGDYIAAAIAAIAAAIAVIAAAIAAIAAGDKEEAKEAYKLAKEAKEKAKEIAKEAKK
AGDKIAAAIAEIAQAIAEIAQAIAEIALK
;
_entity_poly.pdbx_strand_id   A,B
#
# COMPACT_ATOMS: atom_id res chain seq x y z
N HIS A 3 -15.33 22.39 -6.28
CA HIS A 3 -15.78 22.13 -4.93
C HIS A 3 -14.94 21.17 -4.18
N MET A 4 -14.95 21.40 -2.86
CA MET A 4 -14.33 20.55 -1.91
C MET A 4 -15.10 19.24 -1.94
N LEU A 5 -16.38 19.26 -2.29
CA LEU A 5 -17.12 18.01 -2.42
C LEU A 5 -16.67 17.23 -3.65
N ILE A 6 -16.49 17.90 -4.79
CA ILE A 6 -15.96 17.22 -5.97
C ILE A 6 -14.56 16.68 -5.69
N TYR A 7 -13.71 17.52 -5.08
CA TYR A 7 -12.37 17.08 -4.71
C TYR A 7 -12.43 15.85 -3.81
N GLN A 8 -13.36 15.85 -2.85
CA GLN A 8 -13.52 14.72 -1.96
C GLN A 8 -13.94 13.47 -2.72
N ALA A 9 -14.84 13.63 -3.69
CA ALA A 9 -15.36 12.47 -4.42
C ALA A 9 -14.30 11.88 -5.33
N ILE A 10 -13.45 12.72 -5.92
CA ILE A 10 -12.36 12.21 -6.75
C ILE A 10 -11.38 11.39 -5.92
N LYS A 11 -11.06 11.87 -4.71
CA LYS A 11 -10.15 11.13 -3.85
C LYS A 11 -10.72 9.77 -3.47
N LEU A 12 -12.02 9.70 -3.23
CA LEU A 12 -12.66 8.43 -2.89
C LEU A 12 -12.64 7.48 -4.08
N ILE A 13 -12.82 8.01 -5.29
CA ILE A 13 -12.70 7.17 -6.49
C ILE A 13 -11.31 6.55 -6.54
N ALA A 14 -10.27 7.33 -6.23
CA ALA A 14 -8.92 6.78 -6.18
C ALA A 14 -8.81 5.68 -5.14
N GLN A 15 -9.37 5.90 -3.95
CA GLN A 15 -9.30 4.88 -2.90
C GLN A 15 -10.05 3.61 -3.31
N ALA A 16 -11.21 3.76 -3.97
CA ALA A 16 -11.98 2.59 -4.36
C ALA A 16 -11.27 1.77 -5.42
N ILE A 17 -10.59 2.44 -6.36
CA ILE A 17 -9.82 1.71 -7.38
C ILE A 17 -8.69 0.93 -6.74
N LYS A 18 -8.03 1.51 -5.72
CA LYS A 18 -6.93 0.82 -5.07
C LYS A 18 -7.41 -0.47 -4.38
N VAL A 19 -8.62 -0.47 -3.83
CA VAL A 19 -9.13 -1.69 -3.21
C VAL A 19 -9.41 -2.74 -4.28
N ILE A 20 -9.89 -2.33 -5.46
CA ILE A 20 -10.03 -3.27 -6.56
C ILE A 20 -8.72 -3.98 -6.81
N ALA A 21 -7.61 -3.22 -6.80
CA ALA A 21 -6.29 -3.82 -7.05
C ALA A 21 -5.93 -4.83 -5.98
N GLU A 22 -6.24 -4.51 -4.72
CA GLU A 22 -5.96 -5.43 -3.62
C GLU A 22 -6.79 -6.71 -3.76
N ALA A 23 -8.04 -6.59 -4.20
CA ALA A 23 -8.88 -7.77 -4.41
C ALA A 23 -8.36 -8.61 -5.58
N ILE A 24 -7.92 -7.95 -6.65
CA ILE A 24 -7.29 -8.67 -7.75
C ILE A 24 -6.01 -9.35 -7.28
N LYS A 25 -5.22 -8.64 -6.47
CA LYS A 25 -4.01 -9.23 -5.92
C LYS A 25 -4.33 -10.47 -5.09
N ALA A 26 -5.46 -10.46 -4.38
CA ALA A 26 -5.83 -11.64 -3.62
C ALA A 26 -6.20 -12.80 -4.53
N ILE A 27 -6.78 -12.52 -5.70
CA ILE A 27 -7.07 -13.58 -6.64
C ILE A 27 -5.78 -14.22 -7.15
N ALA A 28 -4.81 -13.40 -7.55
CA ALA A 28 -3.57 -13.92 -8.12
C ALA A 28 -2.79 -14.72 -7.09
N GLU A 29 -2.64 -14.19 -5.88
CA GLU A 29 -1.92 -14.90 -4.83
C GLU A 29 -2.76 -15.99 -4.18
N GLY A 30 -4.08 -15.97 -4.35
CA GLY A 30 -4.93 -16.96 -3.74
C GLY A 30 -5.10 -16.83 -2.24
N ASP A 31 -4.89 -15.64 -1.69
CA ASP A 31 -4.92 -15.43 -0.24
C ASP A 31 -6.35 -15.06 0.19
N LYS A 32 -6.97 -15.95 0.97
CA LYS A 32 -8.31 -15.68 1.49
C LYS A 32 -8.28 -14.61 2.58
N GLU A 33 -7.15 -14.45 3.27
CA GLU A 33 -7.06 -13.42 4.30
C GLU A 33 -6.98 -12.03 3.67
N ARG A 34 -6.20 -11.87 2.61
CA ARG A 34 -6.13 -10.60 1.91
C ARG A 34 -7.49 -10.22 1.35
N ALA A 35 -8.25 -11.20 0.83
CA ALA A 35 -9.58 -10.92 0.29
C ALA A 35 -10.51 -10.37 1.38
N LYS A 36 -10.50 -10.98 2.57
CA LYS A 36 -11.33 -10.47 3.64
C LYS A 36 -10.90 -9.07 4.04
N GLU A 37 -9.59 -8.80 4.06
CA GLU A 37 -9.13 -7.44 4.33
C GLU A 37 -9.62 -6.48 3.26
N ALA A 38 -9.55 -6.88 1.98
CA ALA A 38 -10.05 -6.02 0.91
C ALA A 38 -11.55 -5.84 1.02
N ALA A 39 -12.28 -6.90 1.37
CA ALA A 39 -13.72 -6.79 1.55
C ALA A 39 -14.06 -5.75 2.61
N GLU A 40 -13.31 -5.75 3.72
CA GLU A 40 -13.54 -4.79 4.79
C GLU A 40 -13.23 -3.37 4.33
N LYS A 41 -12.14 -3.19 3.58
CA LYS A 41 -11.81 -1.85 3.08
C LYS A 41 -12.87 -1.35 2.09
N ALA A 42 -13.43 -2.24 1.29
CA ALA A 42 -14.48 -1.82 0.36
C ALA A 42 -15.74 -1.36 1.10
N ARG A 43 -16.11 -2.05 2.18
CA ARG A 43 -17.28 -1.62 2.95
C ARG A 43 -17.09 -0.22 3.52
N GLU A 44 -15.91 0.06 4.06
CA GLU A 44 -15.66 1.39 4.65
C GLU A 44 -15.74 2.46 3.58
N LEU A 45 -15.10 2.22 2.43
CA LEU A 45 -15.13 3.20 1.35
C LEU A 45 -16.55 3.42 0.85
N TYR A 46 -17.31 2.35 0.70
CA TYR A 46 -18.71 2.47 0.29
C TYR A 46 -19.49 3.37 1.24
N GLU A 47 -19.25 3.23 2.55
CA GLU A 47 -19.94 4.07 3.52
C GLU A 47 -19.49 5.53 3.41
N LYS A 48 -18.19 5.75 3.23
CA LYS A 48 -17.69 7.12 3.05
C LYS A 48 -18.29 7.77 1.81
N ALA A 49 -18.41 7.01 0.72
CA ALA A 49 -19.00 7.55 -0.51
C ALA A 49 -20.47 7.86 -0.30
N LEU A 50 -21.20 6.97 0.40
CA LEU A 50 -22.61 7.24 0.68
C LEU A 50 -22.79 8.51 1.50
N GLU A 51 -21.93 8.73 2.50
CA GLU A 51 -22.05 9.93 3.30
C GLU A 51 -21.70 11.19 2.51
N LEU A 52 -20.76 11.09 1.57
CA LEU A 52 -20.46 12.24 0.74
C LEU A 52 -21.60 12.53 -0.22
N TYR A 53 -22.18 11.48 -0.81
CA TYR A 53 -23.34 11.65 -1.69
C TYR A 53 -24.52 12.28 -0.94
N LYS A 54 -24.76 11.86 0.30
CA LYS A 54 -25.86 12.44 1.06
C LYS A 54 -25.60 13.92 1.32
N GLU A 55 -24.40 14.26 1.75
CA GLU A 55 -24.06 15.67 1.99
C GLU A 55 -24.15 16.48 0.69
N ALA A 56 -23.67 15.92 -0.42
CA ALA A 56 -23.69 16.66 -1.68
C ALA A 56 -25.11 16.87 -2.19
N LYS A 57 -25.97 15.85 -2.10
CA LYS A 57 -27.35 16.01 -2.56
C LYS A 57 -28.09 17.04 -1.71
N LYS A 58 -27.92 17.00 -0.38
CA LYS A 58 -28.60 17.97 0.47
C LYS A 58 -28.23 19.40 0.08
N GLU A 59 -26.96 19.65 -0.20
CA GLU A 59 -26.54 20.96 -0.64
C GLU A 59 -26.98 21.28 -2.07
N GLY A 60 -27.42 20.27 -2.83
CA GLY A 60 -27.82 20.49 -4.20
C GLY A 60 -26.71 20.34 -5.23
N ASP A 61 -25.55 19.84 -4.84
CA ASP A 61 -24.41 19.64 -5.74
C ASP A 61 -24.59 18.31 -6.44
N LEU A 62 -25.19 18.34 -7.64
CA LEU A 62 -25.57 17.09 -8.30
C LEU A 62 -24.36 16.37 -8.90
N ILE A 63 -23.37 17.11 -9.40
CA ILE A 63 -22.19 16.48 -9.98
C ILE A 63 -21.37 15.78 -8.89
N ALA A 64 -21.11 16.48 -7.77
CA ALA A 64 -20.36 15.88 -6.68
C ALA A 64 -21.06 14.64 -6.14
N ALA A 65 -22.39 14.69 -6.00
CA ALA A 65 -23.13 13.51 -5.56
C ALA A 65 -22.98 12.38 -6.55
N ALA A 66 -22.97 12.71 -7.85
CA ALA A 66 -22.84 11.68 -8.88
C ALA A 66 -21.47 11.02 -8.84
N ILE A 67 -20.42 11.81 -8.63
CA ILE A 67 -19.08 11.24 -8.56
C ILE A 67 -18.93 10.37 -7.32
N ALA A 68 -19.58 10.76 -6.22
CA ALA A 68 -19.54 9.94 -5.01
C ALA A 68 -20.20 8.59 -5.22
N LEU A 69 -21.31 8.57 -5.97
CA LEU A 69 -21.97 7.30 -6.27
C LEU A 69 -21.11 6.42 -7.17
N ILE A 70 -20.32 7.02 -8.06
CA ILE A 70 -19.35 6.23 -8.81
C ILE A 70 -18.34 5.59 -7.86
N ALA A 71 -17.79 6.39 -6.95
CA ALA A 71 -16.88 5.84 -5.95
C ALA A 71 -17.53 4.69 -5.20
N ALA A 72 -18.81 4.87 -4.82
CA ALA A 72 -19.52 3.80 -4.13
C ALA A 72 -19.68 2.58 -5.01
N ALA A 73 -19.96 2.77 -6.30
CA ALA A 73 -20.16 1.65 -7.20
C ALA A 73 -18.87 0.90 -7.45
N ILE A 74 -17.75 1.64 -7.54
CA ILE A 74 -16.45 0.99 -7.69
C ILE A 74 -16.13 0.17 -6.44
N ALA A 75 -16.48 0.70 -5.26
CA ALA A 75 -16.29 -0.07 -4.03
C ALA A 75 -17.04 -1.39 -4.07
N VAL A 76 -18.25 -1.39 -4.63
CA VAL A 76 -19.02 -2.64 -4.66
C VAL A 76 -18.37 -3.64 -5.60
N ILE A 77 -17.77 -3.18 -6.70
CA ILE A 77 -17.02 -4.08 -7.58
C ILE A 77 -15.87 -4.72 -6.81
N ALA A 78 -15.14 -3.93 -6.02
CA ALA A 78 -14.09 -4.48 -5.19
C ALA A 78 -14.63 -5.54 -4.25
N LEU A 79 -15.76 -5.26 -3.61
CA LEU A 79 -16.41 -6.25 -2.76
C LEU A 79 -16.74 -7.52 -3.53
N ALA A 80 -17.30 -7.35 -4.73
CA ALA A 80 -17.65 -8.48 -5.58
C ALA A 80 -16.41 -9.28 -5.92
N ILE A 81 -15.38 -8.59 -6.39
CA ILE A 81 -14.12 -9.23 -6.74
C ILE A 81 -13.60 -10.01 -5.55
N ALA A 82 -13.59 -9.36 -4.38
CA ALA A 82 -13.14 -9.99 -3.16
C ALA A 82 -13.93 -11.26 -2.84
N ALA A 83 -15.22 -11.25 -3.19
CA ALA A 83 -16.06 -12.41 -2.96
C ALA A 83 -15.55 -13.57 -3.79
N ILE A 84 -14.90 -13.24 -4.91
CA ILE A 84 -14.34 -14.26 -5.79
C ILE A 84 -13.07 -14.83 -5.18
N ALA A 85 -12.18 -13.95 -4.74
CA ALA A 85 -10.93 -14.37 -4.13
C ALA A 85 -11.16 -15.20 -2.87
N ALA A 86 -12.24 -14.91 -2.13
CA ALA A 86 -12.54 -15.64 -0.91
C ALA A 86 -13.41 -16.85 -1.15
N GLY A 87 -14.12 -16.90 -2.28
CA GLY A 87 -15.07 -17.97 -2.51
C GLY A 87 -16.25 -17.91 -1.58
N ASP A 88 -16.57 -16.73 -1.07
CA ASP A 88 -17.65 -16.55 -0.09
C ASP A 88 -18.89 -16.10 -0.83
N LYS A 89 -19.86 -17.00 -0.99
CA LYS A 89 -21.09 -16.65 -1.71
C LYS A 89 -21.95 -15.67 -0.91
N GLU A 90 -21.80 -15.62 0.41
CA GLU A 90 -22.50 -14.61 1.19
C GLU A 90 -21.90 -13.23 1.00
N LEU A 91 -20.60 -13.17 0.70
CA LEU A 91 -19.98 -11.89 0.33
C LEU A 91 -20.58 -11.37 -0.97
N ALA A 92 -20.69 -12.25 -1.96
CA ALA A 92 -21.28 -11.87 -3.24
C ALA A 92 -22.73 -11.41 -3.07
N LYS A 93 -23.50 -12.10 -2.24
CA LYS A 93 -24.88 -11.70 -2.00
C LYS A 93 -24.95 -10.35 -1.31
N GLU A 94 -24.03 -10.07 -0.40
CA GLU A 94 -23.98 -8.74 0.21
C GLU A 94 -23.64 -7.70 -0.84
N ALA A 95 -22.67 -8.00 -1.72
CA ALA A 95 -22.33 -7.08 -2.80
C ALA A 95 -23.51 -6.87 -3.73
N ALA A 96 -24.25 -7.93 -4.04
CA ALA A 96 -25.42 -7.81 -4.92
C ALA A 96 -26.42 -6.80 -4.39
N GLU A 97 -26.64 -6.77 -3.07
CA GLU A 97 -27.61 -5.85 -2.50
C GLU A 97 -27.08 -4.42 -2.49
N LEU A 98 -25.79 -4.25 -2.17
CA LEU A 98 -25.21 -2.91 -2.21
C LEU A 98 -25.27 -2.33 -3.63
N ALA A 99 -25.06 -3.18 -4.64
CA ALA A 99 -25.12 -2.70 -6.01
C ALA A 99 -26.52 -2.21 -6.36
N LYS A 100 -27.55 -2.92 -5.88
CA LYS A 100 -28.92 -2.48 -6.15
C LYS A 100 -29.21 -1.17 -5.44
N GLU A 101 -28.72 -1.00 -4.20
CA GLU A 101 -28.89 0.26 -3.49
C GLU A 101 -28.27 1.42 -4.26
N ILE A 102 -27.00 1.28 -4.67
CA ILE A 102 -26.34 2.35 -5.42
C ILE A 102 -27.07 2.60 -6.73
N TYR A 103 -27.50 1.53 -7.41
CA TYR A 103 -28.26 1.69 -8.64
C TYR A 103 -29.50 2.54 -8.45
N LYS A 104 -30.29 2.26 -7.40
CA LYS A 104 -31.52 3.02 -7.19
C LYS A 104 -31.23 4.48 -6.87
N LEU A 105 -30.22 4.74 -6.04
CA LEU A 105 -29.86 6.13 -5.76
C LEU A 105 -29.43 6.84 -7.02
N ALA A 106 -28.63 6.18 -7.87
CA ALA A 106 -28.15 6.81 -9.09
C ALA A 106 -29.28 7.01 -10.09
N GLU A 107 -30.17 6.02 -10.24
CA GLU A 107 -31.31 6.19 -11.13
C GLU A 107 -32.18 7.36 -10.70
N LYS A 108 -32.43 7.50 -9.40
CA LYS A 108 -33.19 8.65 -8.91
C LYS A 108 -32.42 9.94 -9.13
N LEU A 109 -31.10 9.92 -8.88
CA LEU A 109 -30.29 11.11 -9.08
C LEU A 109 -30.32 11.55 -10.54
N TYR A 110 -30.27 10.59 -11.47
CA TYR A 110 -30.32 10.95 -12.88
C TYR A 110 -31.65 11.60 -13.24
N LYS A 111 -32.76 11.07 -12.69
CA LYS A 111 -34.07 11.64 -13.00
C LYS A 111 -34.19 13.06 -12.46
N GLU A 112 -33.62 13.31 -11.28
CA GLU A 112 -33.67 14.66 -10.71
C GLU A 112 -32.79 15.63 -11.49
N ALA A 113 -31.59 15.21 -11.88
CA ALA A 113 -30.70 16.10 -12.62
C ALA A 113 -31.29 16.45 -13.98
N LYS A 114 -31.84 15.47 -14.69
CA LYS A 114 -32.44 15.75 -15.99
C LYS A 114 -33.59 16.74 -15.87
N LYS A 115 -34.41 16.60 -14.83
CA LYS A 115 -35.52 17.52 -14.63
C LYS A 115 -35.02 18.94 -14.39
N LYS A 116 -33.96 19.08 -13.59
CA LYS A 116 -33.40 20.41 -13.34
C LYS A 116 -32.62 20.94 -14.54
N GLY A 117 -32.33 20.11 -15.54
CA GLY A 117 -31.60 20.53 -16.71
C GLY A 117 -30.11 20.26 -16.66
N ASP A 118 -29.58 19.78 -15.53
CA ASP A 118 -28.16 19.45 -15.39
C ASP A 118 -27.88 18.14 -16.13
N LEU A 119 -27.67 18.26 -17.44
CA LEU A 119 -27.48 17.07 -18.26
C LEU A 119 -26.13 16.42 -18.02
N ILE A 120 -25.13 17.19 -17.56
CA ILE A 120 -23.84 16.61 -17.24
C ILE A 120 -23.93 15.75 -15.98
N ALA A 121 -24.55 16.30 -14.92
CA ALA A 121 -24.76 15.52 -13.72
C ALA A 121 -25.59 14.27 -14.00
N ALA A 122 -26.63 14.41 -14.82
CA ALA A 122 -27.45 13.26 -15.19
C ALA A 122 -26.62 12.19 -15.88
N ALA A 123 -25.69 12.58 -16.75
CA ALA A 123 -24.88 11.59 -17.45
C ALA A 123 -23.90 10.91 -16.49
N ILE A 124 -23.27 11.68 -15.62
CA ILE A 124 -22.39 11.09 -14.62
C ILE A 124 -23.18 10.19 -13.67
N ALA A 125 -24.40 10.59 -13.32
CA ALA A 125 -25.24 9.72 -12.50
C ALA A 125 -25.50 8.39 -13.21
N LEU A 126 -25.74 8.44 -14.52
CA LEU A 126 -25.95 7.21 -15.27
C LEU A 126 -24.68 6.37 -15.34
N ILE A 127 -23.52 7.01 -15.29
CA ILE A 127 -22.27 6.25 -15.20
C ILE A 127 -22.22 5.46 -13.89
N ALA A 128 -22.61 6.09 -12.79
CA ALA A 128 -22.65 5.39 -11.51
C ALA A 128 -23.59 4.19 -11.57
N ALA A 129 -24.75 4.36 -12.19
CA ALA A 129 -25.69 3.25 -12.31
C ALA A 129 -25.10 2.11 -13.13
N ALA A 130 -24.50 2.44 -14.27
CA ALA A 130 -23.92 1.39 -15.11
C ALA A 130 -22.82 0.63 -14.38
N ILE A 131 -21.98 1.34 -13.63
CA ILE A 131 -20.93 0.66 -12.86
C ILE A 131 -21.56 -0.20 -11.76
N ALA A 132 -22.66 0.27 -11.16
CA ALA A 132 -23.36 -0.56 -10.18
C ALA A 132 -23.86 -1.85 -10.81
N VAL A 133 -24.30 -1.80 -12.07
CA VAL A 133 -24.79 -3.03 -12.71
C VAL A 133 -23.64 -3.99 -12.97
N ILE A 134 -22.46 -3.46 -13.34
CA ILE A 134 -21.28 -4.30 -13.48
C ILE A 134 -20.96 -4.99 -12.16
N ALA A 135 -21.04 -4.26 -11.04
CA ALA A 135 -20.83 -4.87 -9.73
C ALA A 135 -21.85 -5.99 -9.50
N LEU A 136 -23.10 -5.79 -9.92
CA LEU A 136 -24.12 -6.82 -9.73
C LEU A 136 -23.82 -8.05 -10.58
N ALA A 137 -23.39 -7.85 -11.83
CA ALA A 137 -23.08 -8.98 -12.69
C ALA A 137 -21.87 -9.76 -12.18
N ILE A 138 -20.85 -9.06 -11.67
CA ILE A 138 -19.71 -9.74 -11.08
C ILE A 138 -20.12 -10.47 -9.80
N ALA A 139 -20.95 -9.82 -8.98
CA ALA A 139 -21.49 -10.50 -7.79
C ALA A 139 -22.28 -11.75 -8.18
N ALA A 140 -22.91 -11.76 -9.36
CA ALA A 140 -23.60 -12.95 -9.82
C ALA A 140 -22.61 -14.07 -10.13
N ILE A 141 -21.48 -13.73 -10.78
CA ILE A 141 -20.43 -14.70 -11.01
C ILE A 141 -19.90 -15.24 -9.68
N ALA A 142 -19.55 -14.33 -8.77
CA ALA A 142 -19.03 -14.75 -7.47
C ALA A 142 -20.03 -15.60 -6.70
N ALA A 143 -21.33 -15.34 -6.86
CA ALA A 143 -22.34 -16.12 -6.17
C ALA A 143 -22.83 -17.32 -6.97
N GLY A 144 -22.53 -17.38 -8.27
CA GLY A 144 -23.07 -18.44 -9.10
C GLY A 144 -24.59 -18.39 -9.14
N ASP A 145 -25.14 -17.21 -9.38
CA ASP A 145 -26.58 -16.95 -9.30
C ASP A 145 -27.04 -16.44 -10.65
N LYS A 146 -27.61 -17.33 -11.48
CA LYS A 146 -28.14 -16.92 -12.78
C LYS A 146 -29.33 -15.98 -12.64
N GLU A 147 -30.00 -15.98 -11.49
CA GLU A 147 -31.11 -15.04 -11.27
C GLU A 147 -30.58 -13.63 -11.05
N LEU A 148 -29.49 -13.48 -10.30
CA LEU A 148 -28.88 -12.17 -10.17
C LEU A 148 -28.32 -11.70 -11.51
N ALA A 149 -27.81 -12.64 -12.32
CA ALA A 149 -27.29 -12.28 -13.63
C ALA A 149 -28.39 -11.74 -14.52
N LYS A 150 -29.55 -12.41 -14.52
CA LYS A 150 -30.69 -11.92 -15.29
C LYS A 150 -31.14 -10.56 -14.77
N GLU A 151 -31.08 -10.37 -13.45
CA GLU A 151 -31.39 -9.05 -12.89
C GLU A 151 -30.42 -7.99 -13.41
N ALA A 152 -29.13 -8.31 -13.44
CA ALA A 152 -28.15 -7.39 -13.99
C ALA A 152 -28.42 -7.10 -15.45
N ALA A 153 -28.78 -8.12 -16.23
CA ALA A 153 -29.06 -7.92 -17.64
C ALA A 153 -30.21 -6.93 -17.85
N LYS A 154 -31.28 -7.07 -17.07
CA LYS A 154 -32.42 -6.16 -17.21
C LYS A 154 -32.05 -4.74 -16.81
N LEU A 155 -31.31 -4.59 -15.71
CA LEU A 155 -30.89 -3.26 -15.30
C LEU A 155 -29.92 -2.63 -16.31
N ALA A 156 -29.09 -3.45 -16.96
CA ALA A 156 -28.19 -2.90 -17.96
C ALA A 156 -28.95 -2.34 -19.16
N LYS A 157 -30.01 -3.04 -19.59
CA LYS A 157 -30.83 -2.52 -20.68
C LYS A 157 -31.53 -1.22 -20.28
N GLU A 158 -31.90 -1.10 -19.01
CA GLU A 158 -32.56 0.13 -18.54
C GLU A 158 -31.61 1.32 -18.60
N VAL A 159 -30.39 1.17 -18.06
CA VAL A 159 -29.42 2.27 -18.12
C VAL A 159 -29.10 2.60 -19.57
N TYR A 160 -28.86 1.59 -20.39
CA TYR A 160 -28.60 1.84 -21.80
C TYR A 160 -29.74 2.62 -22.43
N LYS A 161 -30.98 2.24 -22.12
CA LYS A 161 -32.13 2.94 -22.69
C LYS A 161 -32.17 4.38 -22.25
N GLU A 162 -31.98 4.64 -20.95
CA GLU A 162 -32.00 6.02 -20.47
C GLU A 162 -30.80 6.81 -20.98
N ALA A 163 -29.62 6.16 -21.05
CA ALA A 163 -28.45 6.83 -21.58
C ALA A 163 -28.66 7.23 -23.04
N GLU A 164 -29.24 6.34 -23.84
CA GLU A 164 -29.54 6.69 -25.22
C GLU A 164 -30.56 7.82 -25.29
N GLU A 165 -31.52 7.84 -24.36
CA GLU A 165 -32.49 8.92 -24.31
C GLU A 165 -31.83 10.25 -23.95
N LEU A 166 -30.99 10.27 -22.91
CA LEU A 166 -30.31 11.50 -22.54
C LEU A 166 -29.35 11.97 -23.63
N TYR A 167 -28.67 11.03 -24.30
CA TYR A 167 -27.78 11.38 -25.40
C TYR A 167 -28.53 12.14 -26.48
N ARG A 168 -29.72 11.66 -26.86
CA ARG A 168 -30.49 12.36 -27.89
C ARG A 168 -31.02 13.68 -27.37
N GLU A 169 -31.39 13.73 -26.09
CA GLU A 169 -31.81 15.00 -25.51
C GLU A 169 -30.64 15.99 -25.46
N ALA A 170 -29.46 15.53 -25.01
CA ALA A 170 -28.31 16.43 -24.94
C ALA A 170 -27.84 16.86 -26.32
N ARG A 171 -27.95 15.99 -27.31
CA ARG A 171 -27.54 16.34 -28.67
C ARG A 171 -28.43 17.42 -29.28
N LYS A 172 -29.72 17.42 -28.94
CA LYS A 172 -30.65 18.36 -29.55
C LYS A 172 -30.28 19.81 -29.21
N LYS A 173 -30.02 20.10 -27.94
CA LYS A 173 -29.67 21.46 -27.52
C LYS A 173 -28.19 21.79 -27.75
N GLY A 174 -27.40 20.85 -28.24
CA GLY A 174 -26.00 21.12 -28.49
C GLY A 174 -25.07 20.85 -27.33
N ASP A 175 -25.53 20.20 -26.27
CA ASP A 175 -24.65 19.83 -25.15
C ASP A 175 -23.83 18.62 -25.62
N LEU A 176 -22.71 18.92 -26.29
CA LEU A 176 -21.90 17.87 -26.88
C LEU A 176 -21.12 17.10 -25.82
N ILE A 177 -20.66 17.79 -24.78
CA ILE A 177 -19.94 17.10 -23.71
C ILE A 177 -20.90 16.19 -22.94
N ALA A 178 -22.09 16.71 -22.62
CA ALA A 178 -23.09 15.89 -21.95
C ALA A 178 -23.51 14.71 -22.81
N ALA A 179 -23.65 14.92 -24.13
CA ALA A 179 -23.98 13.81 -25.03
C ALA A 179 -22.90 12.75 -25.03
N ALA A 180 -21.63 13.17 -25.07
CA ALA A 180 -20.54 12.21 -25.07
C ALA A 180 -20.47 11.44 -23.75
N ILE A 181 -20.66 12.13 -22.63
CA ILE A 181 -20.64 11.44 -21.34
C ILE A 181 -21.84 10.50 -21.23
N ALA A 182 -22.98 10.87 -21.79
CA ALA A 182 -24.12 9.96 -21.83
C ALA A 182 -23.78 8.69 -22.60
N LEU A 183 -23.03 8.82 -23.71
CA LEU A 183 -22.61 7.64 -24.45
C LEU A 183 -21.58 6.81 -23.69
N ILE A 184 -20.83 7.41 -22.77
CA ILE A 184 -19.94 6.63 -21.92
C ILE A 184 -20.76 5.74 -20.99
N ALA A 185 -21.82 6.29 -20.39
CA ALA A 185 -22.68 5.46 -19.54
C ALA A 185 -23.32 4.33 -20.34
N ALA A 186 -23.82 4.64 -21.54
CA ALA A 186 -24.39 3.60 -22.40
C ALA A 186 -23.37 2.50 -22.69
N ALA A 187 -22.12 2.88 -22.99
CA ALA A 187 -21.11 1.88 -23.29
C ALA A 187 -20.80 1.02 -22.07
N ILE A 188 -20.68 1.64 -20.90
CA ILE A 188 -20.46 0.87 -19.68
C ILE A 188 -21.64 -0.04 -19.40
N ALA A 189 -22.86 0.41 -19.74
CA ALA A 189 -24.04 -0.45 -19.58
C ALA A 189 -23.94 -1.70 -20.47
N VAL A 190 -23.39 -1.55 -21.68
CA VAL A 190 -23.28 -2.71 -22.56
C VAL A 190 -22.23 -3.69 -22.02
N ILE A 191 -21.14 -3.15 -21.44
CA ILE A 191 -20.17 -4.01 -20.77
C ILE A 191 -20.85 -4.82 -19.67
N ALA A 192 -21.68 -4.15 -18.85
CA ALA A 192 -22.43 -4.83 -17.80
C ALA A 192 -23.32 -5.92 -18.36
N LEU A 193 -23.99 -5.65 -19.48
CA LEU A 193 -24.84 -6.65 -20.11
C LEU A 193 -24.02 -7.83 -20.62
N ALA A 194 -22.84 -7.55 -21.20
CA ALA A 194 -21.98 -8.62 -21.69
C ALA A 194 -21.49 -9.52 -20.55
N ILE A 195 -21.09 -8.92 -19.44
CA ILE A 195 -20.67 -9.72 -18.28
C ILE A 195 -21.83 -10.51 -17.73
N ALA A 196 -23.02 -9.89 -17.68
CA ALA A 196 -24.20 -10.63 -17.24
C ALA A 196 -24.48 -11.82 -18.15
N ALA A 197 -24.16 -11.70 -19.44
CA ALA A 197 -24.33 -12.83 -20.35
C ALA A 197 -23.34 -13.94 -20.03
N ILE A 198 -22.09 -13.59 -19.71
CA ILE A 198 -21.14 -14.60 -19.25
C ILE A 198 -21.65 -15.27 -17.98
N ALA A 199 -22.13 -14.47 -17.02
CA ALA A 199 -22.65 -15.01 -15.77
C ALA A 199 -23.85 -15.91 -16.01
N ALA A 200 -24.78 -15.47 -16.86
CA ALA A 200 -25.97 -16.26 -17.13
C ALA A 200 -25.72 -17.39 -18.11
N GLY A 201 -24.56 -17.39 -18.78
CA GLY A 201 -24.30 -18.38 -19.81
C GLY A 201 -25.29 -18.34 -20.94
N ASP A 202 -25.67 -17.13 -21.39
CA ASP A 202 -26.70 -16.94 -22.40
C ASP A 202 -26.06 -16.25 -23.60
N LYS A 203 -25.80 -17.02 -24.66
CA LYS A 203 -25.24 -16.45 -25.89
C LYS A 203 -26.22 -15.52 -26.59
N GLU A 204 -27.52 -15.65 -26.32
CA GLU A 204 -28.47 -14.72 -26.89
C GLU A 204 -28.30 -13.32 -26.30
N LEU A 205 -28.09 -13.25 -24.98
CA LEU A 205 -27.81 -11.97 -24.34
C LEU A 205 -26.47 -11.41 -24.83
N ALA A 206 -25.50 -12.29 -25.06
CA ALA A 206 -24.22 -11.86 -25.61
C ALA A 206 -24.39 -11.25 -26.99
N LYS A 207 -25.21 -11.88 -27.84
CA LYS A 207 -25.45 -11.33 -29.16
C LYS A 207 -26.15 -9.97 -29.06
N LYS A 208 -27.05 -9.81 -28.09
CA LYS A 208 -27.68 -8.52 -27.88
C LYS A 208 -26.66 -7.46 -27.44
N ALA A 209 -25.74 -7.83 -26.54
CA ALA A 209 -24.71 -6.88 -26.13
C ALA A 209 -23.83 -6.47 -27.31
N ALA A 210 -23.52 -7.41 -28.20
CA ALA A 210 -22.73 -7.07 -29.38
C ALA A 210 -23.47 -6.07 -30.26
N GLU A 211 -24.79 -6.22 -30.40
CA GLU A 211 -25.56 -5.30 -31.22
C GLU A 211 -25.55 -3.90 -30.61
N LEU A 212 -25.80 -3.80 -29.29
CA LEU A 212 -25.83 -2.49 -28.65
C LEU A 212 -24.47 -1.81 -28.66
N ALA A 213 -23.40 -2.59 -28.51
CA ALA A 213 -22.06 -1.99 -28.50
C ALA A 213 -21.76 -1.34 -29.84
N GLU A 214 -22.16 -1.98 -30.94
CA GLU A 214 -21.97 -1.40 -32.26
C GLU A 214 -22.78 -0.12 -32.43
N LYS A 215 -23.95 -0.04 -31.80
CA LYS A 215 -24.77 1.16 -31.88
C LYS A 215 -24.15 2.32 -31.11
N VAL A 216 -23.78 2.08 -29.85
CA VAL A 216 -23.11 3.13 -29.07
C VAL A 216 -21.87 3.61 -29.81
N TYR A 217 -21.06 2.66 -30.31
CA TYR A 217 -19.87 3.02 -31.05
C TYR A 217 -20.19 3.97 -32.19
N LYS A 218 -21.24 3.65 -32.96
CA LYS A 218 -21.61 4.47 -34.11
C LYS A 218 -22.09 5.86 -33.68
N GLU A 219 -22.85 5.94 -32.59
CA GLU A 219 -23.26 7.24 -32.08
C GLU A 219 -22.05 8.04 -31.60
N ALA A 220 -21.07 7.37 -30.99
CA ALA A 220 -19.88 8.06 -30.49
C ALA A 220 -19.07 8.69 -31.62
N LEU A 221 -18.88 7.97 -32.72
CA LEU A 221 -18.14 8.53 -33.84
C LEU A 221 -18.90 9.70 -34.48
N LYS A 222 -20.24 9.65 -34.45
CA LYS A 222 -21.03 10.78 -34.91
C LYS A 222 -20.74 12.02 -34.06
N VAL A 223 -20.72 11.87 -32.74
CA VAL A 223 -20.42 12.99 -31.85
C VAL A 223 -19.01 13.50 -32.09
N TYR A 224 -18.05 12.58 -32.23
CA TYR A 224 -16.67 12.98 -32.45
C TYR A 224 -16.53 13.81 -33.72
N LYS A 225 -17.22 13.41 -34.80
CA LYS A 225 -17.13 14.15 -36.04
C LYS A 225 -17.76 15.53 -35.91
N GLU A 226 -18.92 15.61 -35.26
CA GLU A 226 -19.56 16.91 -35.07
C GLU A 226 -18.74 17.80 -34.14
N ALA A 227 -18.22 17.24 -33.05
CA ALA A 227 -17.42 18.03 -32.11
C ALA A 227 -16.13 18.51 -32.77
N ARG A 228 -15.52 17.66 -33.58
CA ARG A 228 -14.28 17.99 -34.26
C ARG A 228 -14.49 19.12 -35.26
N LYS A 229 -15.55 19.03 -36.04
CA LYS A 229 -15.85 20.05 -37.05
C LYS A 229 -16.00 21.42 -36.39
N LYS A 230 -16.62 21.48 -35.22
CA LYS A 230 -16.80 22.72 -34.48
C LYS A 230 -15.58 23.13 -33.67
N GLY A 231 -14.49 22.37 -33.75
CA GLY A 231 -13.29 22.71 -33.00
C GLY A 231 -13.35 22.43 -31.51
N ASP A 232 -14.31 21.61 -31.06
CA ASP A 232 -14.43 21.24 -29.65
C ASP A 232 -13.69 19.93 -29.45
N LEU A 233 -12.37 20.04 -29.19
CA LEU A 233 -11.54 18.85 -29.14
C LEU A 233 -11.75 18.06 -27.85
N ILE A 234 -12.11 18.73 -26.75
CA ILE A 234 -12.39 18.02 -25.52
C ILE A 234 -13.64 17.17 -25.68
N ALA A 235 -14.69 17.73 -26.29
CA ALA A 235 -15.91 16.96 -26.54
C ALA A 235 -15.61 15.79 -27.48
N ALA A 236 -14.82 16.04 -28.53
CA ALA A 236 -14.47 14.98 -29.46
C ALA A 236 -13.65 13.90 -28.78
N ALA A 237 -12.79 14.28 -27.83
CA ALA A 237 -11.98 13.28 -27.13
C ALA A 237 -12.83 12.43 -26.20
N ILE A 238 -13.79 13.04 -25.51
CA ILE A 238 -14.67 12.27 -24.63
C ILE A 238 -15.54 11.32 -25.46
N ALA A 239 -15.95 11.74 -26.65
CA ALA A 239 -16.69 10.85 -27.54
C ALA A 239 -15.87 9.62 -27.90
N LEU A 240 -14.56 9.79 -28.10
CA LEU A 240 -13.72 8.64 -28.43
C LEU A 240 -13.51 7.74 -27.22
N ILE A 241 -13.57 8.29 -26.00
CA ILE A 241 -13.60 7.43 -24.82
C ILE A 241 -14.81 6.50 -24.88
N ALA A 242 -15.98 7.06 -25.22
CA ALA A 242 -17.18 6.24 -25.31
C ALA A 242 -17.04 5.17 -26.39
N ALA A 243 -16.49 5.53 -27.55
CA ALA A 243 -16.30 4.54 -28.61
C ALA A 243 -15.38 3.42 -28.16
N ALA A 244 -14.27 3.78 -27.50
CA ALA A 244 -13.33 2.76 -27.05
C ALA A 244 -13.95 1.83 -26.01
N ILE A 245 -14.76 2.39 -25.11
CA ILE A 245 -15.43 1.53 -24.14
C ILE A 245 -16.45 0.64 -24.83
N ALA A 246 -17.12 1.16 -25.86
CA ALA A 246 -18.05 0.34 -26.62
C ALA A 246 -17.34 -0.86 -27.26
N VAL A 247 -16.11 -0.66 -27.74
CA VAL A 247 -15.39 -1.76 -28.38
C VAL A 247 -14.98 -2.81 -27.34
N ILE A 248 -14.63 -2.35 -26.13
CA ILE A 248 -14.41 -3.29 -25.03
C ILE A 248 -15.65 -4.14 -24.80
N ALA A 249 -16.82 -3.51 -24.79
CA ALA A 249 -18.07 -4.25 -24.63
C ALA A 249 -18.22 -5.28 -25.74
N LEU A 250 -17.95 -4.89 -26.99
CA LEU A 250 -18.03 -5.83 -28.10
C LEU A 250 -17.07 -6.99 -27.94
N ALA A 251 -15.83 -6.71 -27.51
CA ALA A 251 -14.86 -7.79 -27.33
C ALA A 251 -15.31 -8.75 -26.24
N ILE A 252 -15.82 -8.23 -25.12
CA ILE A 252 -16.33 -9.09 -24.06
C ILE A 252 -17.54 -9.86 -24.55
N ALA A 253 -18.42 -9.20 -25.30
CA ALA A 253 -19.56 -9.89 -25.90
C ALA A 253 -19.11 -11.02 -26.82
N ALA A 254 -18.02 -10.81 -27.55
CA ALA A 254 -17.50 -11.85 -28.43
C ALA A 254 -17.04 -13.05 -27.62
N ILE A 255 -16.44 -12.82 -26.46
CA ILE A 255 -16.07 -13.92 -25.58
C ILE A 255 -17.33 -14.62 -25.06
N ALA A 256 -18.31 -13.84 -24.62
CA ALA A 256 -19.55 -14.43 -24.11
C ALA A 256 -20.27 -15.23 -25.18
N ALA A 257 -20.17 -14.80 -26.44
CA ALA A 257 -20.82 -15.51 -27.53
C ALA A 257 -19.90 -16.54 -28.18
N GLY A 258 -18.62 -16.58 -27.82
CA GLY A 258 -17.69 -17.48 -28.48
C GLY A 258 -17.66 -17.31 -29.99
N ASP A 259 -17.76 -16.08 -30.46
CA ASP A 259 -17.81 -15.77 -31.89
C ASP A 259 -16.55 -14.99 -32.27
N LYS A 260 -15.60 -15.67 -32.90
CA LYS A 260 -14.36 -15.00 -33.29
C LYS A 260 -14.56 -13.99 -34.42
N GLU A 261 -15.70 -14.03 -35.12
CA GLU A 261 -15.99 -13.01 -36.11
C GLU A 261 -16.27 -11.67 -35.43
N LEU A 262 -16.95 -11.68 -34.28
CA LEU A 262 -17.09 -10.45 -33.51
C LEU A 262 -15.75 -10.01 -32.93
N ALA A 263 -14.91 -10.97 -32.54
CA ALA A 263 -13.60 -10.61 -32.00
C ALA A 263 -12.78 -9.86 -33.04
N LYS A 264 -12.67 -10.41 -34.25
CA LYS A 264 -11.93 -9.73 -35.31
C LYS A 264 -12.54 -8.37 -35.63
N LYS A 265 -13.88 -8.25 -35.56
CA LYS A 265 -14.49 -6.97 -35.82
C LYS A 265 -14.13 -5.96 -34.73
N ALA A 266 -14.15 -6.38 -33.46
CA ALA A 266 -13.74 -5.49 -32.39
C ALA A 266 -12.32 -4.99 -32.58
N ALA A 267 -11.40 -5.89 -32.95
CA ALA A 267 -10.02 -5.48 -33.20
C ALA A 267 -9.96 -4.42 -34.29
N GLU A 268 -10.82 -4.54 -35.31
CA GLU A 268 -10.86 -3.52 -36.36
C GLU A 268 -11.34 -2.19 -35.82
N LEU A 269 -12.44 -2.19 -35.07
CA LEU A 269 -12.96 -0.96 -34.49
C LEU A 269 -11.98 -0.37 -33.47
N ALA A 270 -11.30 -1.22 -32.69
CA ALA A 270 -10.35 -0.71 -31.71
C ALA A 270 -9.19 0.03 -32.40
N LYS A 271 -8.71 -0.51 -33.52
CA LYS A 271 -7.62 0.15 -34.23
C LYS A 271 -8.07 1.51 -34.77
N LYS A 272 -9.32 1.62 -35.21
CA LYS A 272 -9.79 2.90 -35.74
C LYS A 272 -9.86 3.96 -34.64
N VAL A 273 -10.48 3.62 -33.51
CA VAL A 273 -10.51 4.53 -32.37
C VAL A 273 -9.09 4.95 -32.00
N LEU A 274 -8.20 3.96 -31.92
CA LEU A 274 -6.81 4.25 -31.61
C LEU A 274 -6.22 5.28 -32.56
N GLU A 275 -6.49 5.14 -33.87
CA GLU A 275 -5.93 6.08 -34.84
C GLU A 275 -6.58 7.46 -34.71
N LEU A 276 -7.89 7.50 -34.48
CA LEU A 276 -8.55 8.79 -34.31
C LEU A 276 -8.07 9.49 -33.03
N ALA A 277 -7.87 8.75 -31.95
CA ALA A 277 -7.44 9.37 -30.70
C ALA A 277 -6.02 9.91 -30.81
N ARG A 278 -5.10 9.11 -31.36
CA ARG A 278 -3.74 9.59 -31.53
C ARG A 278 -3.69 10.81 -32.44
N GLU A 279 -4.55 10.84 -33.45
CA GLU A 279 -4.63 11.98 -34.35
C GLU A 279 -5.14 13.23 -33.61
N ILE A 280 -6.22 13.09 -32.86
CA ILE A 280 -6.79 14.23 -32.12
C ILE A 280 -5.82 14.74 -31.06
N ALA A 281 -5.01 13.84 -30.49
CA ALA A 281 -4.01 14.26 -29.51
C ALA A 281 -2.96 15.16 -30.14
N LYS A 282 -2.49 14.78 -31.34
CA LYS A 282 -1.47 15.58 -32.03
C LYS A 282 -1.97 16.98 -32.35
N GLU A 283 -3.22 17.09 -32.83
CA GLU A 283 -3.80 18.40 -33.14
C GLU A 283 -3.94 19.25 -31.88
N ALA A 284 -4.42 18.66 -30.78
CA ALA A 284 -4.54 19.42 -29.54
C ALA A 284 -3.17 19.85 -29.02
N ARG A 285 -2.16 18.99 -29.17
CA ARG A 285 -0.84 19.33 -28.66
C ARG A 285 -0.24 20.51 -29.42
N LYS A 286 -0.43 20.55 -30.74
CA LYS A 286 0.06 21.68 -31.52
C LYS A 286 -0.60 22.99 -31.08
N LYS A 287 -1.90 22.95 -30.81
CA LYS A 287 -2.61 24.12 -30.31
C LYS A 287 -2.36 24.41 -28.84
N GLY A 288 -1.61 23.55 -28.14
CA GLY A 288 -1.38 23.74 -26.72
C GLY A 288 -2.52 23.32 -25.82
N ASP A 289 -3.58 22.72 -26.38
CA ASP A 289 -4.73 22.26 -25.58
C ASP A 289 -4.38 20.90 -24.96
N LEU A 290 -3.55 20.95 -23.91
CA LEU A 290 -3.00 19.73 -23.35
C LEU A 290 -4.03 18.91 -22.57
N ILE A 291 -5.09 19.54 -22.06
CA ILE A 291 -6.15 18.76 -21.43
C ILE A 291 -6.85 17.90 -22.46
N ALA A 292 -7.17 18.48 -23.63
CA ALA A 292 -7.80 17.71 -24.70
C ALA A 292 -6.88 16.60 -25.20
N ALA A 293 -5.58 16.88 -25.30
CA ALA A 293 -4.66 15.85 -25.77
C ALA A 293 -4.57 14.70 -24.77
N ALA A 294 -4.55 15.03 -23.46
CA ALA A 294 -4.51 13.99 -22.44
C ALA A 294 -5.78 13.16 -22.43
N ILE A 295 -6.94 13.79 -22.60
CA ILE A 295 -8.19 13.02 -22.67
C ILE A 295 -8.18 12.11 -23.89
N ALA A 296 -7.67 12.59 -25.02
CA ALA A 296 -7.60 11.77 -26.22
C ALA A 296 -6.73 10.53 -25.98
N LEU A 297 -5.64 10.68 -25.24
CA LEU A 297 -4.78 9.52 -25.01
C LEU A 297 -5.40 8.54 -24.01
N ILE A 298 -6.34 8.98 -23.18
CA ILE A 298 -7.14 8.02 -22.42
C ILE A 298 -7.93 7.12 -23.37
N ALA A 299 -8.59 7.73 -24.37
CA ALA A 299 -9.32 6.94 -25.36
C ALA A 299 -8.40 5.99 -26.11
N ALA A 300 -7.20 6.46 -26.44
CA ALA A 300 -6.23 5.59 -27.09
C ALA A 300 -5.86 4.41 -26.21
N ALA A 301 -5.65 4.67 -24.92
CA ALA A 301 -5.25 3.60 -24.00
C ALA A 301 -6.39 2.60 -23.79
N ILE A 302 -7.63 3.10 -23.69
CA ILE A 302 -8.77 2.20 -23.59
C ILE A 302 -8.94 1.38 -24.87
N ALA A 303 -8.68 2.00 -26.03
CA ALA A 303 -8.79 1.27 -27.29
C ALA A 303 -7.80 0.10 -27.34
N VAL A 304 -6.60 0.27 -26.80
CA VAL A 304 -5.65 -0.85 -26.80
C VAL A 304 -6.12 -1.94 -25.84
N ILE A 305 -6.79 -1.57 -24.73
CA ILE A 305 -7.39 -2.59 -23.87
C ILE A 305 -8.37 -3.44 -24.65
N ALA A 306 -9.25 -2.80 -25.42
CA ALA A 306 -10.19 -3.56 -26.25
C ALA A 306 -9.44 -4.45 -27.24
N LEU A 307 -8.36 -3.93 -27.83
CA LEU A 307 -7.51 -4.73 -28.71
C LEU A 307 -7.00 -5.98 -27.99
N ALA A 308 -6.48 -5.81 -26.77
CA ALA A 308 -5.95 -6.95 -26.03
C ALA A 308 -7.03 -7.97 -25.75
N ILE A 309 -8.20 -7.50 -25.28
CA ILE A 309 -9.30 -8.42 -25.01
C ILE A 309 -9.79 -9.07 -26.29
N ALA A 310 -9.79 -8.33 -27.40
CA ALA A 310 -10.16 -8.94 -28.68
C ALA A 310 -9.16 -10.01 -29.09
N ALA A 311 -7.90 -9.87 -28.68
CA ALA A 311 -6.92 -10.92 -28.97
C ALA A 311 -7.19 -12.15 -28.12
N ILE A 312 -7.64 -11.96 -26.87
CA ILE A 312 -8.05 -13.10 -26.05
C ILE A 312 -9.23 -13.81 -26.70
N ALA A 313 -10.23 -13.03 -27.13
CA ALA A 313 -11.41 -13.60 -27.76
C ALA A 313 -11.07 -14.34 -29.05
N ALA A 314 -10.00 -13.93 -29.73
CA ALA A 314 -9.59 -14.56 -30.97
C ALA A 314 -8.53 -15.65 -30.77
N GLY A 315 -8.00 -15.79 -29.55
CA GLY A 315 -6.92 -16.75 -29.32
C GLY A 315 -5.71 -16.49 -30.18
N ASP A 316 -5.44 -15.24 -30.52
CA ASP A 316 -4.39 -14.87 -31.46
C ASP A 316 -3.22 -14.29 -30.69
N LYS A 317 -2.15 -15.07 -30.56
CA LYS A 317 -0.97 -14.61 -29.83
C LYS A 317 -0.22 -13.53 -30.60
N GLU A 318 -0.32 -13.54 -31.94
CA GLU A 318 0.31 -12.48 -32.71
C GLU A 318 -0.43 -11.16 -32.55
N GLU A 319 -1.76 -11.21 -32.43
CA GLU A 319 -2.52 -9.99 -32.16
C GLU A 319 -2.20 -9.46 -30.77
N ALA A 320 -1.97 -10.36 -29.80
CA ALA A 320 -1.66 -9.94 -28.45
C ALA A 320 -0.32 -9.22 -28.39
N LYS A 321 0.66 -9.67 -29.19
CA LYS A 321 1.96 -9.01 -29.18
C LYS A 321 1.88 -7.63 -29.79
N GLU A 322 1.06 -7.46 -30.82
CA GLU A 322 0.89 -6.14 -31.42
C GLU A 322 0.24 -5.17 -30.43
N ALA A 323 -0.82 -5.62 -29.75
CA ALA A 323 -1.47 -4.78 -28.75
C ALA A 323 -0.49 -4.41 -27.64
N TYR A 324 0.35 -5.35 -27.23
CA TYR A 324 1.35 -5.05 -26.22
C TYR A 324 2.28 -3.92 -26.67
N GLU A 325 2.72 -3.98 -27.93
CA GLU A 325 3.62 -2.95 -28.45
C GLU A 325 2.89 -1.62 -28.62
N LEU A 326 1.62 -1.65 -29.00
CA LEU A 326 0.86 -0.41 -29.12
C LEU A 326 0.62 0.21 -27.75
N ALA A 327 0.41 -0.61 -26.72
CA ALA A 327 0.25 -0.08 -25.38
C ALA A 327 1.48 0.67 -24.93
N LYS A 328 2.67 0.11 -25.17
CA LYS A 328 3.91 0.80 -24.84
C LYS A 328 4.02 2.13 -25.57
N GLU A 329 3.48 2.20 -26.79
CA GLU A 329 3.53 3.43 -27.57
C GLU A 329 2.65 4.50 -26.95
N VAL A 330 1.39 4.15 -26.65
CA VAL A 330 0.49 5.12 -26.01
C VAL A 330 1.05 5.55 -24.66
N TYR A 331 1.66 4.62 -23.93
CA TYR A 331 2.27 4.98 -22.65
C TYR A 331 3.31 6.07 -22.81
N LYS A 332 4.18 5.94 -23.81
CA LYS A 332 5.23 6.93 -24.03
C LYS A 332 4.67 8.28 -24.46
N GLU A 333 3.66 8.27 -25.34
CA GLU A 333 3.02 9.54 -25.71
C GLU A 333 2.38 10.21 -24.51
N ALA A 334 1.72 9.43 -23.64
CA ALA A 334 1.09 10.03 -22.47
C ALA A 334 2.11 10.69 -21.56
N LEU A 335 3.25 10.02 -21.34
CA LEU A 335 4.32 10.62 -20.56
C LEU A 335 4.87 11.89 -21.21
N GLU A 336 4.87 11.97 -22.54
CA GLU A 336 5.29 13.20 -23.21
C GLU A 336 4.33 14.34 -22.89
N ILE A 337 3.02 14.08 -22.97
CA ILE A 337 2.04 15.10 -22.64
C ILE A 337 2.17 15.52 -21.19
N ALA A 338 2.46 14.57 -20.30
CA ALA A 338 2.59 14.89 -18.88
C ALA A 338 3.82 15.75 -18.61
N LYS A 339 4.96 15.41 -19.22
CA LYS A 339 6.17 16.20 -19.01
C LYS A 339 5.97 17.64 -19.48
N GLU A 340 5.39 17.82 -20.67
CA GLU A 340 5.12 19.15 -21.17
C GLU A 340 4.14 19.89 -20.27
N ALA A 341 3.09 19.20 -19.82
CA ALA A 341 2.11 19.85 -18.97
C ALA A 341 2.73 20.31 -17.65
N ARG A 342 3.54 19.44 -17.04
CA ARG A 342 4.18 19.79 -15.77
C ARG A 342 5.11 20.98 -15.93
N LYS A 343 5.82 21.06 -17.05
CA LYS A 343 6.73 22.19 -17.28
C LYS A 343 5.96 23.49 -17.43
N LYS A 344 4.75 23.44 -18.00
CA LYS A 344 3.92 24.62 -18.14
C LYS A 344 3.06 24.90 -16.91
N GLY A 345 3.01 23.97 -15.96
CA GLY A 345 2.18 24.16 -14.78
C GLY A 345 0.73 23.76 -14.93
N ASP A 346 0.34 23.17 -16.07
CA ASP A 346 -1.01 22.66 -16.25
C ASP A 346 -1.08 21.27 -15.61
N TYR A 347 -1.29 21.26 -14.29
CA TYR A 347 -1.21 20.01 -13.56
C TYR A 347 -2.45 19.14 -13.77
N ILE A 348 -3.59 19.73 -14.12
CA ILE A 348 -4.74 18.91 -14.46
C ILE A 348 -4.48 18.13 -15.76
N ALA A 349 -3.91 18.80 -16.77
CA ALA A 349 -3.56 18.10 -17.99
C ALA A 349 -2.52 17.02 -17.72
N ALA A 350 -1.57 17.30 -16.83
CA ALA A 350 -0.56 16.30 -16.48
C ALA A 350 -1.20 15.12 -15.76
N ALA A 351 -2.12 15.39 -14.83
CA ALA A 351 -2.76 14.31 -14.09
C ALA A 351 -3.64 13.47 -15.00
N ILE A 352 -4.36 14.11 -15.92
CA ILE A 352 -5.15 13.33 -16.88
C ILE A 352 -4.24 12.46 -17.74
N ALA A 353 -3.09 13.00 -18.15
CA ALA A 353 -2.15 12.22 -18.95
C ALA A 353 -1.58 11.06 -18.15
N ALA A 354 -1.31 11.27 -16.86
CA ALA A 354 -0.87 10.17 -16.01
C ALA A 354 -1.90 9.05 -15.99
N ILE A 355 -3.18 9.40 -15.98
CA ILE A 355 -4.25 8.39 -16.05
C ILE A 355 -4.13 7.59 -17.34
N ALA A 356 -3.98 8.28 -18.47
CA ALA A 356 -3.83 7.59 -19.75
C ALA A 356 -2.65 6.63 -19.73
N ALA A 357 -1.54 7.03 -19.10
CA ALA A 357 -0.39 6.15 -19.01
C ALA A 357 -0.70 4.89 -18.22
N ALA A 358 -1.36 5.05 -17.06
CA ALA A 358 -1.67 3.89 -16.25
C ALA A 358 -2.66 2.95 -16.95
N ILE A 359 -3.64 3.51 -17.67
CA ILE A 359 -4.55 2.67 -18.43
C ILE A 359 -3.78 1.94 -19.54
N ALA A 360 -2.80 2.61 -20.15
CA ALA A 360 -2.01 1.93 -21.17
C ALA A 360 -1.23 0.76 -20.59
N VAL A 361 -0.82 0.83 -19.32
CA VAL A 361 -0.11 -0.30 -18.71
C VAL A 361 -1.08 -1.44 -18.40
N ILE A 362 -2.35 -1.13 -18.10
CA ILE A 362 -3.34 -2.20 -17.98
C ILE A 362 -3.43 -2.97 -19.30
N ALA A 363 -3.55 -2.24 -20.41
CA ALA A 363 -3.58 -2.89 -21.73
C ALA A 363 -2.35 -3.75 -21.95
N ALA A 364 -1.17 -3.24 -21.59
CA ALA A 364 0.05 -4.04 -21.73
C ALA A 364 -0.02 -5.29 -20.88
N ALA A 365 -0.55 -5.17 -19.65
CA ALA A 365 -0.66 -6.33 -18.75
C ALA A 365 -1.66 -7.35 -19.31
N ILE A 366 -2.82 -6.88 -19.78
CA ILE A 366 -3.78 -7.80 -20.37
C ILE A 366 -3.21 -8.44 -21.64
N ALA A 367 -2.50 -7.66 -22.46
CA ALA A 367 -1.91 -8.24 -23.66
C ALA A 367 -0.85 -9.27 -23.32
N ALA A 368 -0.12 -9.07 -22.22
CA ALA A 368 0.88 -10.06 -21.80
C ALA A 368 0.21 -11.37 -21.42
N ILE A 369 -0.94 -11.31 -20.75
CA ILE A 369 -1.69 -12.53 -20.45
C ILE A 369 -2.06 -13.25 -21.73
N ALA A 370 -2.61 -12.51 -22.70
CA ALA A 370 -3.04 -13.12 -23.96
C ALA A 370 -1.86 -13.74 -24.71
N ALA A 371 -0.73 -13.02 -24.78
CA ALA A 371 0.44 -13.56 -25.48
C ALA A 371 1.09 -14.70 -24.72
N GLY A 372 0.83 -14.84 -23.43
CA GLY A 372 1.45 -15.87 -22.63
C GLY A 372 2.93 -15.64 -22.43
N LYS A 374 5.49 -14.51 -20.32
CA LYS A 374 5.77 -14.30 -18.90
C LYS A 374 6.81 -13.20 -18.74
N GLU A 375 7.73 -13.15 -19.71
CA GLU A 375 8.72 -12.09 -19.74
C GLU A 375 8.07 -10.74 -19.99
N GLU A 376 7.03 -10.71 -20.83
CA GLU A 376 6.30 -9.47 -21.08
C GLU A 376 5.44 -9.09 -19.88
N ALA A 377 4.92 -10.07 -19.14
CA ALA A 377 4.20 -9.76 -17.92
C ALA A 377 5.11 -9.10 -16.91
N LYS A 378 6.34 -9.62 -16.76
CA LYS A 378 7.32 -9.03 -15.85
C LYS A 378 7.61 -7.58 -16.24
N GLU A 379 7.73 -7.31 -17.54
CA GLU A 379 7.95 -5.94 -17.99
C GLU A 379 6.74 -5.06 -17.71
N ALA A 380 5.53 -5.57 -17.96
CA ALA A 380 4.33 -4.81 -17.65
C ALA A 380 4.27 -4.49 -16.16
N TYR A 381 4.64 -5.45 -15.32
CA TYR A 381 4.71 -5.22 -13.88
C TYR A 381 5.63 -4.05 -13.56
N LYS A 382 6.85 -4.07 -14.12
CA LYS A 382 7.80 -3.00 -13.83
C LYS A 382 7.33 -1.68 -14.41
N LEU A 383 6.71 -1.70 -15.60
CA LEU A 383 6.12 -0.49 -16.16
C LEU A 383 4.99 0.04 -15.28
N ALA A 384 4.26 -0.85 -14.63
CA ALA A 384 3.21 -0.41 -13.72
C ALA A 384 3.79 0.34 -12.53
N LYS A 385 4.91 -0.15 -11.97
CA LYS A 385 5.58 0.58 -10.89
C LYS A 385 6.04 1.96 -11.37
N GLU A 386 6.50 2.05 -12.62
CA GLU A 386 6.99 3.31 -13.13
C GLU A 386 5.86 4.31 -13.34
N ALA A 387 4.73 3.85 -13.89
CA ALA A 387 3.57 4.73 -14.05
C ALA A 387 3.09 5.24 -12.71
N LYS A 388 3.05 4.37 -11.70
CA LYS A 388 2.65 4.79 -10.37
C LYS A 388 3.58 5.89 -9.86
N GLU A 389 4.89 5.72 -10.07
CA GLU A 389 5.84 6.70 -9.57
C GLU A 389 5.69 8.03 -10.30
N LYS A 390 5.42 7.99 -11.61
CA LYS A 390 5.20 9.23 -12.36
C LYS A 390 3.95 9.95 -11.87
N ALA A 391 2.88 9.21 -11.60
CA ALA A 391 1.67 9.83 -11.07
C ALA A 391 1.90 10.40 -9.67
N LYS A 392 2.67 9.69 -8.83
CA LYS A 392 2.98 10.19 -7.50
C LYS A 392 3.73 11.52 -7.55
N GLU A 393 4.69 11.64 -8.47
CA GLU A 393 5.39 12.91 -8.63
C GLU A 393 4.44 14.03 -9.03
N ILE A 394 3.51 13.73 -9.96
CA ILE A 394 2.57 14.76 -10.42
C ILE A 394 1.66 15.19 -9.29
N ALA A 395 1.16 14.23 -8.51
CA ALA A 395 0.33 14.59 -7.35
C ALA A 395 1.10 15.46 -6.38
N LYS A 396 2.40 15.19 -6.19
CA LYS A 396 3.22 16.01 -5.30
C LYS A 396 3.39 17.42 -5.84
N GLU A 397 3.74 17.54 -7.13
CA GLU A 397 3.88 18.86 -7.73
C GLU A 397 2.57 19.64 -7.68
N ALA A 398 1.45 18.95 -7.94
CA ALA A 398 0.15 19.63 -7.95
C ALA A 398 -0.20 20.19 -6.57
N LYS A 399 0.04 19.42 -5.51
CA LYS A 399 -0.20 19.91 -4.16
C LYS A 399 0.64 21.14 -3.87
N LYS A 400 1.92 21.13 -4.29
CA LYS A 400 2.78 22.28 -4.10
C LYS A 400 2.34 23.49 -4.92
N ALA A 401 1.60 23.29 -6.00
CA ALA A 401 1.05 24.38 -6.79
C ALA A 401 -0.32 24.83 -6.32
N GLY A 402 -0.86 24.21 -5.27
CA GLY A 402 -2.18 24.58 -4.82
C GLY A 402 -3.31 24.10 -5.72
N ASP A 403 -3.08 23.04 -6.48
CA ASP A 403 -4.08 22.47 -7.38
C ASP A 403 -4.56 21.15 -6.79
N LYS A 404 -5.53 21.24 -5.89
CA LYS A 404 -5.98 20.06 -5.15
C LYS A 404 -6.70 19.08 -6.05
N ILE A 405 -7.48 19.56 -7.01
CA ILE A 405 -8.23 18.65 -7.88
C ILE A 405 -7.28 17.87 -8.78
N ALA A 406 -6.23 18.53 -9.29
CA ALA A 406 -5.23 17.82 -10.08
C ALA A 406 -4.50 16.77 -9.23
N ALA A 407 -4.21 17.10 -7.97
CA ALA A 407 -3.59 16.12 -7.09
C ALA A 407 -4.48 14.88 -6.94
N ALA A 408 -5.79 15.08 -6.87
CA ALA A 408 -6.70 13.94 -6.70
C ALA A 408 -6.82 13.13 -7.99
N ILE A 409 -6.86 13.80 -9.14
CA ILE A 409 -6.85 13.10 -10.42
C ILE A 409 -5.59 12.24 -10.54
N ALA A 410 -4.46 12.76 -10.05
CA ALA A 410 -3.23 11.98 -10.10
C ALA A 410 -3.29 10.78 -9.15
N GLU A 411 -4.00 10.90 -8.03
CA GLU A 411 -4.20 9.74 -7.16
C GLU A 411 -4.98 8.65 -7.88
N ILE A 412 -5.95 9.02 -8.70
CA ILE A 412 -6.65 8.03 -9.52
C ILE A 412 -5.67 7.31 -10.42
N ALA A 413 -4.74 8.06 -11.03
CA ALA A 413 -3.73 7.44 -11.88
C ALA A 413 -2.88 6.44 -11.11
N GLN A 414 -2.49 6.80 -9.88
CA GLN A 414 -1.73 5.88 -9.04
C GLN A 414 -2.46 4.57 -8.80
N ALA A 415 -3.77 4.67 -8.50
CA ALA A 415 -4.56 3.47 -8.23
C ALA A 415 -4.73 2.63 -9.49
N ILE A 416 -4.97 3.27 -10.63
CA ILE A 416 -5.09 2.53 -11.89
C ILE A 416 -3.78 1.80 -12.19
N ALA A 417 -2.64 2.45 -11.93
CA ALA A 417 -1.37 1.74 -12.09
C ALA A 417 -1.26 0.54 -11.15
N GLU A 418 -1.85 0.63 -9.96
CA GLU A 418 -1.86 -0.51 -9.05
C GLU A 418 -2.72 -1.65 -9.59
N ILE A 419 -3.81 -1.33 -10.29
CA ILE A 419 -4.60 -2.38 -10.94
C ILE A 419 -3.77 -3.06 -12.03
N ALA A 420 -3.05 -2.28 -12.84
CA ALA A 420 -2.18 -2.87 -13.85
C ALA A 420 -1.14 -3.78 -13.23
N GLN A 421 -0.60 -3.37 -12.09
CA GLN A 421 0.37 -4.20 -11.40
C GLN A 421 -0.23 -5.52 -10.96
N ALA A 422 -1.46 -5.49 -10.43
CA ALA A 422 -2.10 -6.72 -9.98
C ALA A 422 -2.44 -7.63 -11.16
N ILE A 423 -2.95 -7.05 -12.25
CA ILE A 423 -3.24 -7.86 -13.44
C ILE A 423 -1.98 -8.51 -13.96
N ALA A 424 -0.87 -7.76 -13.99
CA ALA A 424 0.41 -8.33 -14.40
C ALA A 424 0.84 -9.46 -13.47
N GLU A 425 0.53 -9.34 -12.18
CA GLU A 425 0.87 -10.40 -11.23
C GLU A 425 0.11 -11.69 -11.53
N ILE A 426 -1.09 -11.58 -12.10
CA ILE A 426 -1.85 -12.76 -12.45
C ILE A 426 -1.05 -13.62 -13.43
N ALA A 427 -0.51 -13.00 -14.48
CA ALA A 427 0.29 -13.74 -15.45
C ALA A 427 1.52 -14.34 -14.79
N LEU A 428 2.13 -13.63 -13.85
CA LEU A 428 3.32 -14.12 -13.17
C LEU A 428 2.99 -15.23 -12.18
N HIS B 3 5.25 -23.37 13.76
CA HIS B 3 3.92 -23.47 14.32
C HIS B 3 2.99 -22.43 13.71
N MET B 4 1.71 -22.77 13.57
CA MET B 4 0.75 -21.83 13.01
C MET B 4 0.58 -20.61 13.90
N LEU B 5 0.72 -20.78 15.22
CA LEU B 5 0.57 -19.66 16.14
C LEU B 5 1.75 -18.70 16.03
N ILE B 6 2.97 -19.22 15.93
CA ILE B 6 4.12 -18.36 15.72
C ILE B 6 3.98 -17.63 14.39
N TYR B 7 3.60 -18.36 13.34
CA TYR B 7 3.38 -17.73 12.03
C TYR B 7 2.33 -16.64 12.11
N GLN B 8 1.23 -16.90 12.82
CA GLN B 8 0.18 -15.90 12.96
C GLN B 8 0.70 -14.66 13.68
N ALA B 9 1.52 -14.86 14.70
CA ALA B 9 1.99 -13.72 15.49
C ALA B 9 3.00 -12.88 14.72
N ILE B 10 3.87 -13.54 13.95
CA ILE B 10 4.81 -12.79 13.12
C ILE B 10 4.07 -11.98 12.08
N LYS B 11 3.02 -12.53 11.49
CA LYS B 11 2.23 -11.77 10.53
C LYS B 11 1.60 -10.55 11.17
N LEU B 12 1.18 -10.65 12.42
CA LEU B 12 0.59 -9.50 13.11
C LEU B 12 1.62 -8.40 13.36
N ILE B 13 2.86 -8.77 13.68
CA ILE B 13 3.90 -7.76 13.84
C ILE B 13 4.08 -6.97 12.55
N ALA B 14 4.10 -7.65 11.41
CA ALA B 14 4.22 -6.97 10.13
C ALA B 14 3.08 -5.99 9.91
N GLN B 15 1.85 -6.42 10.22
CA GLN B 15 0.71 -5.52 10.04
C GLN B 15 0.81 -4.30 10.94
N ALA B 16 1.31 -4.48 12.17
CA ALA B 16 1.43 -3.34 13.09
C ALA B 16 2.52 -2.37 12.64
N ILE B 17 3.63 -2.90 12.12
CA ILE B 17 4.68 -2.02 11.60
C ILE B 17 4.14 -1.20 10.45
N LYS B 18 3.29 -1.80 9.61
CA LYS B 18 2.70 -1.06 8.49
C LYS B 18 1.79 0.06 8.98
N VAL B 19 1.08 -0.14 10.09
CA VAL B 19 0.25 0.94 10.62
C VAL B 19 1.12 2.05 11.19
N ILE B 20 2.26 1.70 11.78
CA ILE B 20 3.23 2.73 12.18
C ILE B 20 3.61 3.57 10.97
N ALA B 21 3.84 2.93 9.81
CA ALA B 21 4.21 3.68 8.62
C ALA B 21 3.08 4.60 8.18
N GLU B 22 1.84 4.11 8.22
CA GLU B 22 0.70 4.95 7.85
C GLU B 22 0.53 6.11 8.83
N ALA B 23 0.77 5.87 10.12
CA ALA B 23 0.65 6.96 11.08
C ALA B 23 1.74 8.00 10.88
N ILE B 24 2.96 7.56 10.57
CA ILE B 24 4.03 8.50 10.27
C ILE B 24 3.70 9.34 9.04
N LYS B 25 3.17 8.69 7.99
CA LYS B 25 2.71 9.45 6.83
C LYS B 25 1.61 10.43 7.19
N ALA B 26 0.74 10.05 8.14
CA ALA B 26 -0.33 10.95 8.59
C ALA B 26 0.22 12.15 9.35
N ILE B 27 1.32 11.98 10.07
CA ILE B 27 1.95 13.10 10.77
C ILE B 27 2.49 14.10 9.76
N ALA B 28 3.24 13.62 8.78
CA ALA B 28 3.84 14.51 7.79
C ALA B 28 2.79 15.20 6.95
N GLU B 29 1.78 14.44 6.49
CA GLU B 29 0.74 15.00 5.65
C GLU B 29 -0.25 15.85 6.43
N GLY B 30 -0.29 15.72 7.76
CA GLY B 30 -1.21 16.50 8.55
C GLY B 30 -2.66 16.15 8.38
N ASP B 31 -2.97 14.96 7.88
CA ASP B 31 -4.34 14.54 7.62
C ASP B 31 -4.89 13.89 8.89
N LYS B 32 -5.89 14.54 9.50
CA LYS B 32 -6.52 13.95 10.68
C LYS B 32 -7.36 12.74 10.32
N GLU B 33 -7.85 12.68 9.08
CA GLU B 33 -8.64 11.52 8.66
C GLU B 33 -7.74 10.29 8.50
N ARG B 34 -6.59 10.47 7.85
CA ARG B 34 -5.63 9.37 7.73
C ARG B 34 -5.17 8.90 9.10
N ALA B 35 -4.95 9.85 10.02
CA ALA B 35 -4.56 9.48 11.38
C ALA B 35 -5.65 8.67 12.07
N LYS B 36 -6.91 9.12 11.93
CA LYS B 36 -8.02 8.39 12.52
C LYS B 36 -8.16 7.00 11.90
N GLU B 37 -7.93 6.89 10.59
CA GLU B 37 -7.93 5.57 9.95
C GLU B 37 -6.85 4.68 10.54
N ALA B 38 -5.65 5.24 10.75
CA ALA B 38 -4.57 4.46 11.34
C ALA B 38 -4.91 4.05 12.78
N ALA B 39 -5.55 4.95 13.52
CA ALA B 39 -5.96 4.63 14.89
C ALA B 39 -6.88 3.42 14.91
N GLU B 40 -7.85 3.35 13.99
CA GLU B 40 -8.76 2.22 13.98
C GLU B 40 -8.05 0.92 13.65
N LYS B 41 -7.15 0.95 12.65
CA LYS B 41 -6.42 -0.26 12.28
C LYS B 41 -5.51 -0.72 13.41
N ALA B 42 -4.89 0.21 14.14
CA ALA B 42 -4.08 -0.17 15.27
C ALA B 42 -4.92 -0.81 16.37
N ARG B 43 -6.13 -0.28 16.59
CA ARG B 43 -7.04 -0.90 17.57
C ARG B 43 -7.43 -2.31 17.14
N GLU B 44 -7.74 -2.49 15.85
CA GLU B 44 -8.15 -3.81 15.36
C GLU B 44 -7.02 -4.81 15.52
N LEU B 45 -5.81 -4.44 15.10
CA LEU B 45 -4.66 -5.33 15.25
C LEU B 45 -4.39 -5.63 16.72
N TYR B 46 -4.45 -4.60 17.58
CA TYR B 46 -4.23 -4.81 19.00
C TYR B 46 -5.17 -5.86 19.56
N GLU B 47 -6.44 -5.80 19.19
CA GLU B 47 -7.41 -6.79 19.67
C GLU B 47 -7.14 -8.16 19.06
N LYS B 48 -6.78 -8.21 17.77
CA LYS B 48 -6.43 -9.48 17.15
C LYS B 48 -5.19 -10.09 17.79
N ALA B 49 -4.21 -9.25 18.14
CA ALA B 49 -3.03 -9.75 18.83
C ALA B 49 -3.36 -10.27 20.22
N LEU B 50 -4.25 -9.57 20.94
CA LEU B 50 -4.64 -10.04 22.26
C LEU B 50 -5.30 -11.41 22.20
N GLU B 51 -6.17 -11.63 21.21
CA GLU B 51 -6.83 -12.92 21.08
C GLU B 51 -5.85 -14.02 20.68
N LEU B 52 -4.80 -13.66 19.94
CA LEU B 52 -3.75 -14.64 19.65
C LEU B 52 -2.96 -14.97 20.91
N TYR B 53 -2.63 -13.94 21.70
CA TYR B 53 -1.91 -14.18 22.96
C TYR B 53 -2.73 -15.08 23.89
N LYS B 54 -4.03 -14.82 24.01
CA LYS B 54 -4.86 -15.64 24.88
C LYS B 54 -4.92 -17.07 24.37
N GLU B 55 -5.15 -17.24 23.07
CA GLU B 55 -5.18 -18.57 22.47
C GLU B 55 -3.85 -19.28 22.64
N ALA B 56 -2.74 -18.57 22.43
CA ALA B 56 -1.43 -19.20 22.56
C ALA B 56 -1.13 -19.58 24.00
N LYS B 57 -1.48 -18.71 24.96
CA LYS B 57 -1.21 -19.02 26.36
C LYS B 57 -1.99 -20.24 26.82
N LYS B 58 -3.26 -20.35 26.42
CA LYS B 58 -4.06 -21.50 26.82
C LYS B 58 -3.43 -22.81 26.34
N GLU B 59 -2.95 -22.84 25.09
CA GLU B 59 -2.30 -24.03 24.57
C GLU B 59 -0.92 -24.26 25.18
N GLY B 60 -0.35 -23.26 25.84
CA GLY B 60 0.96 -23.38 26.44
C GLY B 60 2.13 -23.04 25.56
N ASP B 61 1.89 -22.48 24.37
CA ASP B 61 2.94 -22.08 23.44
C ASP B 61 3.41 -20.68 23.84
N LEU B 62 4.43 -20.63 24.70
CA LEU B 62 4.83 -19.38 25.32
C LEU B 62 5.58 -18.46 24.35
N ILE B 63 6.34 -19.01 23.41
CA ILE B 63 7.04 -18.16 22.44
C ILE B 63 6.03 -17.43 21.56
N ALA B 64 5.05 -18.16 21.01
CA ALA B 64 4.04 -17.51 20.19
C ALA B 64 3.27 -16.46 20.98
N ALA B 65 2.94 -16.74 22.24
CA ALA B 65 2.25 -15.75 23.07
C ALA B 65 3.11 -14.52 23.28
N ALA B 66 4.42 -14.71 23.44
CA ALA B 66 5.32 -13.57 23.61
C ALA B 66 5.38 -12.73 22.34
N ILE B 67 5.43 -13.38 21.17
CA ILE B 67 5.47 -12.67 19.90
C ILE B 67 4.15 -11.95 19.65
N ALA B 68 3.03 -12.53 20.08
CA ALA B 68 1.74 -11.85 19.94
C ALA B 68 1.70 -10.57 20.76
N LEU B 69 2.27 -10.59 21.97
CA LEU B 69 2.31 -9.39 22.78
C LEU B 69 3.23 -8.32 22.19
N ILE B 70 4.31 -8.74 21.52
CA ILE B 70 5.14 -7.78 20.80
C ILE B 70 4.31 -7.08 19.72
N ALA B 71 3.55 -7.85 18.95
CA ALA B 71 2.64 -7.27 17.96
C ALA B 71 1.66 -6.30 18.60
N ALA B 72 1.10 -6.67 19.75
CA ALA B 72 0.15 -5.77 20.42
C ALA B 72 0.85 -4.48 20.85
N ALA B 73 2.07 -4.59 21.35
CA ALA B 73 2.75 -3.38 21.82
C ALA B 73 3.10 -2.47 20.66
N ILE B 74 3.49 -3.05 19.52
CA ILE B 74 3.75 -2.23 18.33
C ILE B 74 2.47 -1.56 17.86
N ALA B 75 1.34 -2.27 17.93
CA ALA B 75 0.07 -1.65 17.59
C ALA B 75 -0.21 -0.41 18.43
N VAL B 76 0.13 -0.46 19.73
CA VAL B 76 -0.12 0.69 20.59
C VAL B 76 0.81 1.84 20.23
N ILE B 77 2.05 1.54 19.83
CA ILE B 77 2.94 2.60 19.38
C ILE B 77 2.32 3.34 18.19
N ALA B 78 1.74 2.59 17.24
CA ALA B 78 1.06 3.23 16.13
C ALA B 78 -0.08 4.12 16.63
N LEU B 79 -0.88 3.62 17.57
CA LEU B 79 -1.97 4.41 18.14
C LEU B 79 -1.44 5.70 18.76
N ALA B 80 -0.33 5.64 19.48
CA ALA B 80 0.21 6.84 20.10
C ALA B 80 0.74 7.81 19.05
N ILE B 81 1.39 7.29 18.00
CA ILE B 81 1.85 8.15 16.92
C ILE B 81 0.66 8.75 16.17
N ALA B 82 -0.40 7.98 15.97
CA ALA B 82 -1.62 8.52 15.39
C ALA B 82 -2.22 9.60 16.27
N ALA B 83 -2.08 9.47 17.60
CA ALA B 83 -2.54 10.52 18.50
C ALA B 83 -1.80 11.82 18.29
N ILE B 84 -0.51 11.75 17.93
CA ILE B 84 0.24 12.96 17.61
C ILE B 84 -0.31 13.58 16.34
N ALA B 85 -0.53 12.76 15.31
CA ALA B 85 -1.00 13.27 14.02
C ALA B 85 -2.37 13.95 14.15
N ALA B 86 -3.22 13.47 15.05
CA ALA B 86 -4.54 14.04 15.22
C ALA B 86 -4.60 15.15 16.25
N GLY B 87 -3.61 15.24 17.14
CA GLY B 87 -3.72 16.18 18.24
C GLY B 87 -4.82 15.82 19.21
N ASP B 88 -5.14 14.53 19.32
CA ASP B 88 -6.22 14.04 20.17
C ASP B 88 -5.63 13.58 21.50
N LYS B 89 -5.87 14.35 22.55
CA LYS B 89 -5.34 13.99 23.86
C LYS B 89 -6.07 12.78 24.46
N GLU B 90 -7.31 12.52 24.04
CA GLU B 90 -7.99 11.30 24.49
C GLU B 90 -7.45 10.06 23.78
N LEU B 91 -6.95 10.21 22.54
CA LEU B 91 -6.32 9.09 21.87
C LEU B 91 -5.06 8.64 22.61
N ALA B 92 -4.21 9.59 22.98
CA ALA B 92 -3.00 9.26 23.74
C ALA B 92 -3.35 8.58 25.06
N LYS B 93 -4.39 9.07 25.75
CA LYS B 93 -4.80 8.45 26.99
C LYS B 93 -5.30 7.02 26.76
N GLU B 94 -5.96 6.79 25.62
CA GLU B 94 -6.34 5.42 25.28
C GLU B 94 -5.11 4.55 25.04
N ALA B 95 -4.12 5.08 24.30
CA ALA B 95 -2.90 4.32 24.05
C ALA B 95 -2.16 4.04 25.35
N ALA B 96 -2.10 5.03 26.26
CA ALA B 96 -1.42 4.82 27.53
C ALA B 96 -2.03 3.65 28.29
N GLU B 97 -3.35 3.48 28.23
CA GLU B 97 -4.00 2.40 28.96
C GLU B 97 -3.72 1.04 28.31
N LEU B 98 -3.79 0.99 26.98
CA LEU B 98 -3.46 -0.26 26.29
C LEU B 98 -2.02 -0.67 26.54
N ALA B 99 -1.10 0.30 26.60
CA ALA B 99 0.30 -0.03 26.86
C ALA B 99 0.49 -0.62 28.24
N LYS B 100 -0.23 -0.10 29.23
CA LYS B 100 -0.13 -0.65 30.58
C LYS B 100 -0.69 -2.06 30.65
N GLU B 101 -1.83 -2.31 29.98
CA GLU B 101 -2.37 -3.66 29.94
C GLU B 101 -1.37 -4.66 29.38
N ILE B 102 -0.79 -4.36 28.20
CA ILE B 102 0.18 -5.28 27.58
C ILE B 102 1.38 -5.49 28.50
N TYR B 103 1.85 -4.40 29.12
CA TYR B 103 2.96 -4.50 30.06
C TYR B 103 2.65 -5.51 31.17
N LYS B 104 1.45 -5.45 31.74
CA LYS B 104 1.08 -6.38 32.80
C LYS B 104 1.00 -7.81 32.30
N LEU B 105 0.41 -8.00 31.12
CA LEU B 105 0.36 -9.34 30.51
C LEU B 105 1.76 -9.85 30.19
N ALA B 106 2.63 -8.98 29.70
CA ALA B 106 3.98 -9.40 29.36
C ALA B 106 4.81 -9.75 30.61
N GLU B 107 4.68 -8.92 31.66
CA GLU B 107 5.38 -9.22 32.91
C GLU B 107 4.95 -10.56 33.48
N LYS B 108 3.65 -10.86 33.43
CA LYS B 108 3.18 -12.16 33.89
C LYS B 108 3.69 -13.31 33.02
N LEU B 109 3.68 -13.13 31.69
CA LEU B 109 4.15 -14.18 30.80
C LEU B 109 5.62 -14.48 31.02
N TYR B 110 6.42 -13.44 31.25
CA TYR B 110 7.85 -13.64 31.48
C TYR B 110 8.08 -14.43 32.77
N LYS B 111 7.31 -14.12 33.82
CA LYS B 111 7.49 -14.84 35.08
C LYS B 111 7.11 -16.31 34.93
N GLU B 112 6.06 -16.60 34.16
CA GLU B 112 5.66 -17.98 33.96
C GLU B 112 6.71 -18.72 33.14
N ALA B 113 7.23 -18.09 32.08
CA ALA B 113 8.24 -18.73 31.26
C ALA B 113 9.54 -18.95 32.04
N LYS B 114 9.97 -17.95 32.82
CA LYS B 114 11.20 -18.10 33.59
C LYS B 114 11.09 -19.26 34.57
N LYS B 115 9.94 -19.40 35.22
CA LYS B 115 9.75 -20.51 36.14
C LYS B 115 9.80 -21.85 35.42
N LYS B 116 9.16 -21.95 34.25
CA LYS B 116 9.16 -23.19 33.49
C LYS B 116 10.49 -23.50 32.83
N GLY B 117 11.43 -22.55 32.81
CA GLY B 117 12.73 -22.76 32.22
C GLY B 117 12.86 -22.27 30.79
N ASP B 118 11.76 -21.82 30.18
CA ASP B 118 11.81 -21.28 28.82
C ASP B 118 12.41 -19.88 28.90
N LEU B 119 13.74 -19.84 28.90
CA LEU B 119 14.41 -18.54 29.00
C LEU B 119 14.28 -17.74 27.72
N ILE B 120 14.12 -18.41 26.59
CA ILE B 120 13.93 -17.71 25.32
C ILE B 120 12.58 -17.01 25.31
N ALA B 121 11.51 -17.75 25.62
CA ALA B 121 10.19 -17.15 25.73
C ALA B 121 10.16 -16.06 26.80
N ALA B 122 10.84 -16.30 27.92
CA ALA B 122 10.91 -15.29 28.98
C ALA B 122 11.54 -14.01 28.46
N ALA B 123 12.61 -14.12 27.68
CA ALA B 123 13.29 -12.93 27.17
C ALA B 123 12.45 -12.20 26.14
N ILE B 124 11.80 -12.96 25.23
CA ILE B 124 10.90 -12.32 24.25
C ILE B 124 9.74 -11.64 24.96
N ALA B 125 9.24 -12.24 26.05
CA ALA B 125 8.20 -11.59 26.83
C ALA B 125 8.66 -10.23 27.36
N LEU B 126 9.91 -10.16 27.83
CA LEU B 126 10.44 -8.88 28.32
C LEU B 126 10.64 -7.88 27.19
N ILE B 127 10.93 -8.36 25.98
CA ILE B 127 10.97 -7.46 24.83
C ILE B 127 9.61 -6.82 24.61
N ALA B 128 8.54 -7.62 24.71
CA ALA B 128 7.19 -7.08 24.59
C ALA B 128 6.93 -6.02 25.65
N ALA B 129 7.35 -6.28 26.89
CA ALA B 129 7.14 -5.32 27.96
C ALA B 129 7.91 -4.04 27.69
N ALA B 130 9.17 -4.15 27.28
CA ALA B 130 9.97 -2.97 27.01
C ALA B 130 9.36 -2.14 25.87
N ILE B 131 8.85 -2.81 24.83
CA ILE B 131 8.18 -2.09 23.75
C ILE B 131 6.88 -1.46 24.24
N ALA B 132 6.16 -2.15 25.12
CA ALA B 132 4.96 -1.56 25.71
C ALA B 132 5.28 -0.27 26.46
N VAL B 133 6.43 -0.22 27.13
CA VAL B 133 6.82 1.01 27.82
C VAL B 133 7.15 2.11 26.83
N ILE B 134 7.77 1.74 25.68
CA ILE B 134 8.01 2.72 24.63
C ILE B 134 6.70 3.34 24.17
N ALA B 135 5.67 2.50 23.98
CA ALA B 135 4.36 3.03 23.63
C ALA B 135 3.85 3.99 24.70
N LEU B 136 4.10 3.69 25.97
CA LEU B 136 3.65 4.57 27.04
C LEU B 136 4.38 5.91 26.99
N ALA B 137 5.69 5.89 26.74
CA ALA B 137 6.45 7.14 26.68
C ALA B 137 6.02 7.99 25.50
N ILE B 138 5.78 7.37 24.34
CA ILE B 138 5.30 8.14 23.20
C ILE B 138 3.90 8.67 23.46
N ALA B 139 3.02 7.84 24.04
CA ALA B 139 1.69 8.31 24.43
C ALA B 139 1.79 9.47 25.42
N ALA B 140 2.83 9.47 26.26
CA ALA B 140 3.04 10.58 27.17
C ALA B 140 3.40 11.85 26.41
N ILE B 141 4.25 11.73 25.39
CA ILE B 141 4.53 12.86 24.50
C ILE B 141 3.24 13.33 23.82
N ALA B 142 2.52 12.38 23.21
CA ALA B 142 1.30 12.71 22.48
C ALA B 142 0.28 13.41 23.38
N ALA B 143 0.25 13.07 24.66
CA ALA B 143 -0.68 13.69 25.60
C ALA B 143 -0.10 14.92 26.27
N GLY B 144 1.20 15.14 26.19
CA GLY B 144 1.85 16.22 26.91
C GLY B 144 1.67 16.10 28.40
N ASP B 145 1.90 14.89 28.92
CA ASP B 145 1.64 14.55 30.32
C ASP B 145 2.95 14.10 30.97
N LYS B 146 3.58 15.00 31.71
CA LYS B 146 4.82 14.66 32.41
C LYS B 146 4.58 13.62 33.50
N GLU B 147 3.34 13.45 33.97
CA GLU B 147 3.05 12.39 34.93
C GLU B 147 3.07 11.03 34.28
N LEU B 148 2.53 10.91 33.05
CA LEU B 148 2.62 9.65 32.33
C LEU B 148 4.07 9.31 32.02
N ALA B 149 4.90 10.32 31.76
CA ALA B 149 6.32 10.08 31.48
C ALA B 149 7.01 9.44 32.68
N LYS B 150 6.76 9.94 33.88
CA LYS B 150 7.36 9.36 35.08
C LYS B 150 6.93 7.91 35.27
N GLU B 151 5.66 7.60 34.99
CA GLU B 151 5.22 6.22 35.04
C GLU B 151 6.00 5.37 34.03
N ALA B 152 6.16 5.88 32.81
CA ALA B 152 6.97 5.17 31.82
C ALA B 152 8.41 4.99 32.29
N ALA B 153 9.00 6.05 32.85
CA ALA B 153 10.37 5.97 33.33
C ALA B 153 10.54 4.88 34.38
N LYS B 154 9.59 4.78 35.30
CA LYS B 154 9.66 3.75 36.34
C LYS B 154 9.50 2.35 35.75
N LEU B 155 8.56 2.20 34.81
CA LEU B 155 8.36 0.88 34.21
C LEU B 155 9.58 0.44 33.38
N ALA B 156 10.26 1.39 32.73
CA ALA B 156 11.46 1.02 31.96
C ALA B 156 12.56 0.51 32.89
N LYS B 157 12.73 1.15 34.05
CA LYS B 157 13.71 0.65 35.02
C LYS B 157 13.35 -0.73 35.51
N GLU B 158 12.05 -1.03 35.64
CA GLU B 158 11.64 -2.35 36.09
C GLU B 158 12.01 -3.42 35.06
N VAL B 159 11.68 -3.19 33.78
CA VAL B 159 12.01 -4.15 32.73
C VAL B 159 13.52 -4.33 32.64
N TYR B 160 14.26 -3.22 32.69
CA TYR B 160 15.71 -3.30 32.65
C TYR B 160 16.26 -4.23 33.73
N LYS B 161 15.74 -4.10 34.96
CA LYS B 161 16.19 -4.93 36.07
C LYS B 161 15.88 -6.40 35.82
N GLU B 162 14.66 -6.70 35.36
CA GLU B 162 14.33 -8.10 35.10
C GLU B 162 15.16 -8.66 33.96
N ALA B 163 15.43 -7.85 32.92
CA ALA B 163 16.27 -8.30 31.82
C ALA B 163 17.68 -8.61 32.28
N GLU B 164 18.27 -7.72 33.10
CA GLU B 164 19.63 -7.96 33.59
C GLU B 164 19.68 -9.20 34.46
N GLU B 165 18.62 -9.46 35.23
CA GLU B 165 18.54 -10.67 36.03
C GLU B 165 18.48 -11.91 35.15
N LEU B 166 17.60 -11.90 34.13
CA LEU B 166 17.50 -13.04 33.23
C LEU B 166 18.80 -13.27 32.48
N TYR B 167 19.48 -12.19 32.10
CA TYR B 167 20.78 -12.32 31.44
C TYR B 167 21.76 -13.08 32.31
N ARG B 168 21.81 -12.74 33.61
CA ARG B 168 22.74 -13.42 34.51
C ARG B 168 22.33 -14.86 34.75
N GLU B 169 21.03 -15.15 34.80
CA GLU B 169 20.59 -16.52 34.91
C GLU B 169 20.96 -17.31 33.66
N ALA B 170 20.74 -16.73 32.47
CA ALA B 170 21.09 -17.41 31.23
C ALA B 170 22.59 -17.56 31.06
N ARG B 171 23.37 -16.58 31.54
CA ARG B 171 24.82 -16.70 31.40
C ARG B 171 25.34 -17.86 32.25
N LYS B 172 24.75 -18.07 33.42
CA LYS B 172 25.19 -19.16 34.30
C LYS B 172 24.95 -20.52 33.67
N LYS B 173 23.76 -20.72 33.08
CA LYS B 173 23.42 -22.01 32.48
C LYS B 173 24.01 -22.19 31.09
N GLY B 174 24.65 -21.17 30.52
CA GLY B 174 25.23 -21.29 29.21
C GLY B 174 24.28 -21.04 28.05
N ASP B 175 23.05 -20.58 28.32
CA ASP B 175 22.10 -20.23 27.26
C ASP B 175 22.47 -18.85 26.71
N LEU B 176 23.42 -18.85 25.76
CA LEU B 176 23.97 -17.60 25.25
C LEU B 176 22.97 -16.85 24.37
N ILE B 177 22.11 -17.56 23.64
CA ILE B 177 21.08 -16.88 22.85
C ILE B 177 20.07 -16.21 23.76
N ALA B 178 19.61 -16.93 24.80
CA ALA B 178 18.67 -16.34 25.75
C ALA B 178 19.29 -15.13 26.46
N ALA B 179 20.58 -15.22 26.79
CA ALA B 179 21.25 -14.06 27.38
C ALA B 179 21.26 -12.89 26.40
N ALA B 180 21.54 -13.16 25.14
CA ALA B 180 21.57 -12.10 24.14
C ALA B 180 20.18 -11.52 23.93
N ILE B 181 19.15 -12.35 23.91
CA ILE B 181 17.79 -11.83 23.76
C ILE B 181 17.39 -11.05 25.01
N ALA B 182 17.82 -11.51 26.19
CA ALA B 182 17.60 -10.74 27.41
C ALA B 182 18.28 -9.37 27.33
N LEU B 183 19.49 -9.33 26.77
CA LEU B 183 20.17 -8.05 26.59
C LEU B 183 19.49 -7.19 25.53
N ILE B 184 18.75 -7.79 24.60
CA ILE B 184 17.95 -6.99 23.67
C ILE B 184 16.84 -6.28 24.43
N ALA B 185 16.13 -7.00 25.28
CA ALA B 185 15.08 -6.39 26.09
C ALA B 185 15.62 -5.29 26.99
N ALA B 186 16.78 -5.52 27.62
CA ALA B 186 17.40 -4.47 28.42
C ALA B 186 17.66 -3.23 27.60
N ALA B 187 18.21 -3.40 26.40
CA ALA B 187 18.52 -2.26 25.53
C ALA B 187 17.26 -1.54 25.08
N ILE B 188 16.22 -2.28 24.74
CA ILE B 188 14.96 -1.64 24.38
C ILE B 188 14.37 -0.90 25.58
N ALA B 189 14.54 -1.45 26.80
CA ALA B 189 14.06 -0.74 27.99
C ALA B 189 14.77 0.60 28.17
N VAL B 190 16.06 0.66 27.85
CA VAL B 190 16.79 1.92 28.02
C VAL B 190 16.31 2.95 27.00
N ILE B 191 15.98 2.52 25.78
CA ILE B 191 15.37 3.43 24.81
C ILE B 191 14.11 4.05 25.39
N ALA B 192 13.25 3.21 25.99
CA ALA B 192 12.03 3.71 26.60
C ALA B 192 12.34 4.74 27.69
N LEU B 193 13.38 4.50 28.48
CA LEU B 193 13.77 5.45 29.51
C LEU B 193 14.24 6.77 28.89
N ALA B 194 15.04 6.69 27.82
CA ALA B 194 15.50 7.90 27.15
C ALA B 194 14.33 8.67 26.54
N ILE B 195 13.39 7.95 25.91
CA ILE B 195 12.20 8.62 25.37
C ILE B 195 11.37 9.19 26.50
N ALA B 196 11.24 8.46 27.62
CA ALA B 196 10.53 9.00 28.77
C ALA B 196 11.19 10.26 29.31
N ALA B 197 12.52 10.34 29.22
CA ALA B 197 13.23 11.54 29.65
C ALA B 197 12.90 12.73 28.76
N ILE B 198 12.77 12.50 27.44
CA ILE B 198 12.33 13.57 26.55
C ILE B 198 10.94 14.05 26.95
N ALA B 199 10.02 13.10 27.17
CA ALA B 199 8.65 13.46 27.55
C ALA B 199 8.61 14.20 28.88
N ALA B 200 9.39 13.74 29.86
CA ALA B 200 9.39 14.36 31.17
C ALA B 200 10.24 15.63 31.23
N GLY B 201 11.04 15.91 30.20
CA GLY B 201 11.96 17.03 30.26
C GLY B 201 12.94 16.95 31.41
N ASP B 202 13.48 15.75 31.66
CA ASP B 202 14.35 15.50 32.81
C ASP B 202 15.73 15.07 32.32
N LYS B 203 16.69 15.98 32.38
CA LYS B 203 18.06 15.65 31.98
C LYS B 203 18.72 14.66 32.94
N GLU B 204 18.20 14.56 34.18
CA GLU B 204 18.71 13.54 35.09
C GLU B 204 18.34 12.14 34.65
N LEU B 205 17.11 11.95 34.15
CA LEU B 205 16.73 10.66 33.60
C LEU B 205 17.54 10.33 32.35
N ALA B 206 17.83 11.34 31.53
CA ALA B 206 18.63 11.11 30.33
C ALA B 206 20.02 10.59 30.69
N LYS B 207 20.65 11.20 31.71
CA LYS B 207 21.95 10.73 32.17
C LYS B 207 21.86 9.32 32.73
N LYS B 208 20.75 8.99 33.40
CA LYS B 208 20.56 7.62 33.85
C LYS B 208 20.45 6.67 32.66
N ALA B 209 19.70 7.06 31.63
CA ALA B 209 19.58 6.23 30.43
C ALA B 209 20.92 6.06 29.74
N ALA B 210 21.72 7.13 29.68
CA ALA B 210 23.04 7.02 29.03
C ALA B 210 23.95 6.04 29.77
N GLU B 211 23.88 6.04 31.11
CA GLU B 211 24.70 5.11 31.88
C GLU B 211 24.26 3.67 31.67
N LEU B 212 22.95 3.42 31.70
CA LEU B 212 22.46 2.06 31.50
C LEU B 212 22.76 1.58 30.08
N ALA B 213 22.67 2.46 29.09
CA ALA B 213 22.93 2.06 27.71
C ALA B 213 24.38 1.60 27.56
N GLU B 214 25.32 2.32 28.17
CA GLU B 214 26.72 1.90 28.12
C GLU B 214 26.94 0.58 28.84
N LYS B 215 26.16 0.31 29.89
CA LYS B 215 26.29 -0.96 30.60
C LYS B 215 25.80 -2.12 29.74
N VAL B 216 24.58 -2.01 29.21
CA VAL B 216 24.07 -3.07 28.33
C VAL B 216 25.03 -3.30 27.18
N TYR B 217 25.53 -2.22 26.58
CA TYR B 217 26.47 -2.35 25.46
C TYR B 217 27.68 -3.20 25.85
N LYS B 218 28.29 -2.92 27.00
CA LYS B 218 29.50 -3.63 27.40
C LYS B 218 29.23 -5.11 27.66
N GLU B 219 28.10 -5.43 28.31
CA GLU B 219 27.72 -6.83 28.50
C GLU B 219 27.46 -7.52 27.18
N ALA B 220 26.85 -6.81 26.22
CA ALA B 220 26.56 -7.41 24.93
C ALA B 220 27.86 -7.79 24.22
N LEU B 221 28.88 -6.92 24.30
CA LEU B 221 30.17 -7.26 23.70
C LEU B 221 30.85 -8.40 24.44
N LYS B 222 30.66 -8.51 25.76
CA LYS B 222 31.18 -9.65 26.49
C LYS B 222 30.54 -10.94 26.00
N VAL B 223 29.22 -10.95 25.86
CA VAL B 223 28.53 -12.14 25.35
C VAL B 223 28.97 -12.45 23.93
N TYR B 224 29.14 -11.42 23.10
CA TYR B 224 29.58 -11.64 21.72
C TYR B 224 30.94 -12.34 21.69
N LYS B 225 31.83 -11.96 22.61
CA LYS B 225 33.16 -12.57 22.64
C LYS B 225 33.07 -14.05 23.01
N GLU B 226 32.26 -14.39 24.02
CA GLU B 226 32.12 -15.79 24.41
C GLU B 226 31.46 -16.62 23.32
N ALA B 227 30.43 -16.08 22.69
CA ALA B 227 29.74 -16.82 21.64
C ALA B 227 30.64 -17.08 20.44
N ARG B 228 31.52 -16.13 20.11
CA ARG B 228 32.39 -16.31 18.95
C ARG B 228 33.49 -17.32 19.24
N LYS B 229 34.05 -17.29 20.45
CA LYS B 229 35.08 -18.27 20.82
C LYS B 229 34.55 -19.69 20.75
N LYS B 230 33.30 -19.89 21.15
CA LYS B 230 32.65 -21.20 21.10
C LYS B 230 32.12 -21.54 19.72
N GLY B 231 32.33 -20.67 18.73
CA GLY B 231 31.84 -20.93 17.40
C GLY B 231 30.34 -20.77 17.22
N ASP B 232 29.67 -20.10 18.16
CA ASP B 232 28.22 -19.89 18.10
C ASP B 232 27.98 -18.54 17.45
N LEU B 233 27.91 -18.54 16.12
CA LEU B 233 27.83 -17.29 15.38
C LEU B 233 26.44 -16.66 15.45
N ILE B 234 25.39 -17.47 15.59
CA ILE B 234 24.04 -16.91 15.72
C ILE B 234 23.90 -16.16 17.04
N ALA B 235 24.41 -16.73 18.14
CA ALA B 235 24.36 -16.05 19.42
C ALA B 235 25.19 -14.78 19.41
N ALA B 236 26.37 -14.83 18.78
CA ALA B 236 27.23 -13.64 18.73
C ALA B 236 26.57 -12.54 17.92
N ALA B 237 25.83 -12.90 16.87
CA ALA B 237 25.16 -11.90 16.05
C ALA B 237 24.00 -11.26 16.82
N ILE B 238 23.25 -12.06 17.58
CA ILE B 238 22.17 -11.50 18.39
C ILE B 238 22.73 -10.59 19.48
N ALA B 239 23.88 -10.95 20.04
CA ALA B 239 24.53 -10.07 21.03
C ALA B 239 24.87 -8.72 20.41
N LEU B 240 25.29 -8.70 19.14
CA LEU B 240 25.60 -7.43 18.51
C LEU B 240 24.33 -6.63 18.21
N ILE B 241 23.21 -7.31 18.00
CA ILE B 241 21.94 -6.60 17.94
C ILE B 241 21.66 -5.86 19.23
N ALA B 242 21.91 -6.52 20.37
CA ALA B 242 21.69 -5.87 21.67
C ALA B 242 22.60 -4.67 21.84
N ALA B 243 23.87 -4.79 21.46
CA ALA B 243 24.79 -3.66 21.55
C ALA B 243 24.34 -2.51 20.66
N ALA B 244 23.92 -2.82 19.42
CA ALA B 244 23.52 -1.77 18.49
C ALA B 244 22.26 -1.05 18.99
N ILE B 245 21.32 -1.79 19.57
CA ILE B 245 20.13 -1.15 20.14
C ILE B 245 20.51 -0.30 21.35
N ALA B 246 21.47 -0.77 22.17
CA ALA B 246 21.93 0.02 23.31
C ALA B 246 22.54 1.36 22.85
N VAL B 247 23.27 1.34 21.74
CA VAL B 247 23.87 2.59 21.26
C VAL B 247 22.78 3.54 20.75
N ILE B 248 21.72 3.01 20.14
CA ILE B 248 20.56 3.84 19.83
C ILE B 248 20.01 4.50 21.11
N ALA B 249 19.89 3.71 22.18
CA ALA B 249 19.45 4.28 23.46
C ALA B 249 20.40 5.39 23.91
N LEU B 250 21.71 5.16 23.80
CA LEU B 250 22.67 6.20 24.17
C LEU B 250 22.51 7.43 23.28
N ALA B 251 22.31 7.23 21.99
CA ALA B 251 22.13 8.37 21.08
C ALA B 251 20.88 9.16 21.42
N ILE B 252 19.76 8.46 21.68
CA ILE B 252 18.56 9.17 22.11
C ILE B 252 18.77 9.81 23.46
N ALA B 253 19.47 9.13 24.38
CA ALA B 253 19.76 9.72 25.68
C ALA B 253 20.55 11.02 25.54
N ALA B 254 21.47 11.06 24.57
CA ALA B 254 22.22 12.29 24.31
C ALA B 254 21.30 13.40 23.80
N ILE B 255 20.30 13.06 22.99
CA ILE B 255 19.33 14.06 22.54
C ILE B 255 18.54 14.58 23.72
N ALA B 256 18.06 13.68 24.59
CA ALA B 256 17.30 14.10 25.76
C ALA B 256 18.11 14.97 26.69
N ALA B 257 19.42 14.74 26.78
CA ALA B 257 20.29 15.52 27.64
C ALA B 257 20.92 16.72 26.94
N GLY B 258 20.75 16.83 25.63
CA GLY B 258 21.42 17.91 24.90
C GLY B 258 22.92 17.93 25.12
N ASP B 259 23.54 16.76 25.24
CA ASP B 259 24.96 16.63 25.54
C ASP B 259 25.67 16.03 24.34
N LYS B 260 26.35 16.88 23.56
CA LYS B 260 27.05 16.46 22.36
C LYS B 260 28.26 15.58 22.67
N GLU B 261 28.72 15.54 23.92
CA GLU B 261 29.79 14.62 24.27
C GLU B 261 29.29 13.18 24.26
N LEU B 262 28.07 12.96 24.75
CA LEU B 262 27.48 11.62 24.67
C LEU B 262 27.15 11.23 23.24
N ALA B 263 26.75 12.19 22.41
CA ALA B 263 26.50 11.91 21.00
C ALA B 263 27.76 11.41 20.30
N LYS B 264 28.87 12.13 20.47
CA LYS B 264 30.13 11.70 19.87
C LYS B 264 30.55 10.32 20.39
N LYS B 265 30.26 10.02 21.66
CA LYS B 265 30.56 8.70 22.19
C LYS B 265 29.68 7.64 21.56
N ALA B 266 28.39 7.94 21.38
CA ALA B 266 27.50 7.00 20.69
C ALA B 266 28.00 6.68 19.29
N ALA B 267 28.44 7.70 18.54
CA ALA B 267 28.96 7.48 17.20
C ALA B 267 30.18 6.57 17.22
N GLU B 268 31.03 6.70 18.24
CA GLU B 268 32.18 5.82 18.34
C GLU B 268 31.75 4.38 18.60
N LEU B 269 30.84 4.18 19.56
CA LEU B 269 30.37 2.83 19.85
C LEU B 269 29.61 2.24 18.67
N ALA B 270 28.83 3.07 17.96
CA ALA B 270 28.09 2.56 16.81
C ALA B 270 29.04 2.05 15.71
N LYS B 271 30.14 2.78 15.47
CA LYS B 271 31.10 2.32 14.47
C LYS B 271 31.75 1.01 14.88
N LYS B 272 31.99 0.82 16.19
CA LYS B 272 32.60 -0.42 16.66
C LYS B 272 31.67 -1.60 16.46
N VAL B 273 30.40 -1.47 16.87
CA VAL B 273 29.42 -2.52 16.63
C VAL B 273 29.33 -2.84 15.13
N LEU B 274 29.23 -1.79 14.30
CA LEU B 274 29.12 -2.00 12.86
C LEU B 274 30.26 -2.86 12.31
N GLU B 275 31.50 -2.59 12.73
CA GLU B 275 32.64 -3.30 12.17
C GLU B 275 32.64 -4.77 12.60
N LEU B 276 32.30 -5.04 13.86
CA LEU B 276 32.21 -6.42 14.34
C LEU B 276 31.11 -7.19 13.61
N ALA B 277 29.97 -6.55 13.40
CA ALA B 277 28.85 -7.23 12.74
C ALA B 277 29.21 -7.57 11.29
N ARG B 278 29.81 -6.63 10.57
CA ARG B 278 30.27 -6.91 9.22
C ARG B 278 31.31 -8.03 9.20
N GLU B 279 32.13 -8.12 10.25
CA GLU B 279 33.11 -9.21 10.33
C GLU B 279 32.42 -10.56 10.48
N ILE B 280 31.46 -10.66 11.40
CA ILE B 280 30.77 -11.92 11.61
C ILE B 280 29.97 -12.32 10.38
N ALA B 281 29.42 -11.34 9.66
CA ALA B 281 28.68 -11.65 8.43
C ALA B 281 29.59 -12.25 7.38
N LYS B 282 30.76 -11.65 7.18
CA LYS B 282 31.69 -12.16 6.18
C LYS B 282 32.16 -13.57 6.54
N GLU B 283 32.47 -13.81 7.83
CA GLU B 283 32.91 -15.12 8.25
C GLU B 283 31.80 -16.16 8.08
N ALA B 284 30.57 -15.82 8.49
CA ALA B 284 29.46 -16.75 8.32
C ALA B 284 29.17 -16.99 6.85
N ARG B 285 29.25 -15.94 6.03
CA ARG B 285 28.93 -16.08 4.61
C ARG B 285 29.91 -17.02 3.91
N LYS B 286 31.19 -16.93 4.25
CA LYS B 286 32.17 -17.86 3.69
C LYS B 286 31.85 -19.30 4.09
N LYS B 287 31.45 -19.50 5.35
CA LYS B 287 31.07 -20.82 5.83
C LYS B 287 29.67 -21.25 5.38
N GLY B 288 28.94 -20.38 4.69
CA GLY B 288 27.60 -20.71 4.24
C GLY B 288 26.52 -20.63 5.30
N ASP B 289 26.84 -20.16 6.51
CA ASP B 289 25.86 -20.01 7.59
C ASP B 289 25.11 -18.69 7.36
N LEU B 290 24.18 -18.73 6.42
CA LEU B 290 23.54 -17.49 5.97
C LEU B 290 22.55 -16.91 6.98
N ILE B 291 21.98 -17.74 7.85
CA ILE B 291 21.13 -17.18 8.91
C ILE B 291 21.96 -16.33 9.85
N ALA B 292 23.15 -16.80 10.21
CA ALA B 292 24.04 -16.03 11.06
C ALA B 292 24.48 -14.73 10.40
N ALA B 293 24.75 -14.78 9.09
CA ALA B 293 25.18 -13.56 8.37
C ALA B 293 24.06 -12.54 8.28
N ALA B 294 22.83 -13.00 8.00
CA ALA B 294 21.70 -12.09 7.91
C ALA B 294 21.37 -11.48 9.27
N ILE B 295 21.45 -12.28 10.34
CA ILE B 295 21.25 -11.71 11.68
C ILE B 295 22.34 -10.70 11.99
N ALA B 296 23.58 -11.00 11.61
CA ALA B 296 24.67 -10.07 11.82
C ALA B 296 24.43 -8.76 11.06
N LEU B 297 23.88 -8.85 9.85
CA LEU B 297 23.64 -7.65 9.07
C LEU B 297 22.47 -6.84 9.60
N ILE B 298 21.55 -7.47 10.35
CA ILE B 298 20.58 -6.70 11.11
C ILE B 298 21.28 -5.83 12.14
N ALA B 299 22.22 -6.42 12.88
CA ALA B 299 22.99 -5.67 13.86
C ALA B 299 23.77 -4.53 13.21
N ALA B 300 24.34 -4.79 12.03
CA ALA B 300 25.03 -3.73 11.30
C ALA B 300 24.08 -2.61 10.93
N ALA B 301 22.90 -2.95 10.43
CA ALA B 301 21.95 -1.91 10.02
C ALA B 301 21.41 -1.13 11.22
N ILE B 302 21.17 -1.81 12.34
CA ILE B 302 20.74 -1.11 13.55
C ILE B 302 21.84 -0.16 14.05
N ALA B 303 23.10 -0.59 13.95
CA ALA B 303 24.20 0.29 14.36
C ALA B 303 24.27 1.54 13.50
N VAL B 304 23.99 1.41 12.20
CA VAL B 304 24.03 2.60 11.35
C VAL B 304 22.88 3.55 11.69
N ILE B 305 21.73 3.01 12.12
CA ILE B 305 20.66 3.87 12.62
C ILE B 305 21.16 4.69 13.81
N ALA B 306 21.87 4.04 14.74
CA ALA B 306 22.44 4.76 15.88
C ALA B 306 23.40 5.84 15.41
N LEU B 307 24.20 5.53 14.40
CA LEU B 307 25.08 6.53 13.79
C LEU B 307 24.29 7.72 13.30
N ALA B 308 23.19 7.47 12.57
CA ALA B 308 22.36 8.55 12.05
C ALA B 308 21.77 9.39 13.18
N ILE B 309 21.25 8.72 14.20
CA ILE B 309 20.69 9.44 15.35
C ILE B 309 21.79 10.19 16.10
N ALA B 310 22.99 9.62 16.18
CA ALA B 310 24.12 10.30 16.82
C ALA B 310 24.54 11.55 16.06
N ALA B 311 24.35 11.56 14.74
CA ALA B 311 24.70 12.75 13.98
C ALA B 311 23.73 13.89 14.25
N ILE B 312 22.45 13.57 14.43
CA ILE B 312 21.47 14.58 14.79
C ILE B 312 21.80 15.17 16.16
N ALA B 313 22.09 14.31 17.14
CA ALA B 313 22.37 14.77 18.49
C ALA B 313 23.58 15.69 18.54
N ALA B 314 24.54 15.50 17.64
CA ALA B 314 25.72 16.34 17.59
C ALA B 314 25.59 17.50 16.62
N GLY B 315 24.51 17.54 15.82
CA GLY B 315 24.35 18.56 14.80
C GLY B 315 25.43 18.57 13.74
N ASP B 316 26.01 17.42 13.44
CA ASP B 316 27.15 17.30 12.52
C ASP B 316 26.67 16.73 11.19
N LYS B 317 26.56 17.58 10.17
CA LYS B 317 26.07 17.13 8.86
C LYS B 317 27.10 16.26 8.15
N GLU B 318 28.39 16.42 8.44
CA GLU B 318 29.40 15.54 7.85
C GLU B 318 29.31 14.14 8.45
N GLU B 319 28.96 14.05 9.73
CA GLU B 319 28.71 12.75 10.32
C GLU B 319 27.49 12.07 9.71
N ALA B 320 26.47 12.86 9.35
CA ALA B 320 25.27 12.29 8.73
C ALA B 320 25.58 11.72 7.36
N LYS B 321 26.46 12.38 6.60
CA LYS B 321 26.79 11.87 5.27
C LYS B 321 27.56 10.55 5.37
N GLU B 322 28.43 10.43 6.39
CA GLU B 322 29.14 9.17 6.58
C GLU B 322 28.19 8.04 6.92
N ALA B 323 27.23 8.30 7.82
CA ALA B 323 26.26 7.27 8.16
C ALA B 323 25.44 6.86 6.93
N TYR B 324 25.04 7.86 6.13
CA TYR B 324 24.28 7.57 4.91
C TYR B 324 25.06 6.65 3.97
N GLU B 325 26.36 6.91 3.80
CA GLU B 325 27.15 6.04 2.92
C GLU B 325 27.34 4.66 3.53
N LEU B 326 27.47 4.57 4.86
CA LEU B 326 27.58 3.26 5.51
C LEU B 326 26.26 2.50 5.43
N ALA B 327 25.14 3.21 5.52
CA ALA B 327 23.85 2.54 5.36
C ALA B 327 23.72 1.92 3.97
N LYS B 328 24.13 2.66 2.93
CA LYS B 328 24.13 2.11 1.58
C LYS B 328 25.01 0.87 1.47
N GLU B 329 26.13 0.83 2.20
CA GLU B 329 27.00 -0.33 2.14
C GLU B 329 26.32 -1.54 2.79
N VAL B 330 25.81 -1.37 4.01
CA VAL B 330 25.13 -2.47 4.69
C VAL B 330 23.92 -2.93 3.89
N TYR B 331 23.22 -1.99 3.27
CA TYR B 331 22.07 -2.34 2.43
C TYR B 331 22.47 -3.28 1.31
N LYS B 332 23.54 -2.95 0.58
CA LYS B 332 23.94 -3.76 -0.57
C LYS B 332 24.40 -5.15 -0.15
N GLU B 333 25.18 -5.23 0.94
CA GLU B 333 25.61 -6.53 1.44
C GLU B 333 24.42 -7.38 1.88
N ALA B 334 23.41 -6.77 2.50
CA ALA B 334 22.24 -7.53 2.93
C ALA B 334 21.48 -8.09 1.72
N LEU B 335 21.30 -7.26 0.69
CA LEU B 335 20.66 -7.75 -0.54
C LEU B 335 21.49 -8.85 -1.19
N GLU B 336 22.82 -8.81 -1.03
CA GLU B 336 23.66 -9.89 -1.53
C GLU B 336 23.37 -11.19 -0.79
N ILE B 337 23.27 -11.13 0.53
CA ILE B 337 22.95 -12.32 1.32
C ILE B 337 21.57 -12.85 0.95
N ALA B 338 20.61 -11.94 0.72
CA ALA B 338 19.26 -12.38 0.41
C ALA B 338 19.21 -13.08 -0.94
N LYS B 339 19.90 -12.51 -1.93
CA LYS B 339 19.94 -13.12 -3.26
C LYS B 339 20.55 -14.51 -3.21
N GLU B 340 21.66 -14.66 -2.49
CA GLU B 340 22.28 -15.98 -2.34
C GLU B 340 21.35 -16.95 -1.61
N ALA B 341 20.73 -16.50 -0.52
CA ALA B 341 19.87 -17.37 0.26
C ALA B 341 18.66 -17.82 -0.54
N ARG B 342 18.02 -16.90 -1.26
CA ARG B 342 16.84 -17.26 -2.05
C ARG B 342 17.19 -18.29 -3.13
N LYS B 343 18.38 -18.17 -3.72
CA LYS B 343 18.78 -19.12 -4.76
C LYS B 343 19.01 -20.53 -4.20
N LYS B 344 19.50 -20.63 -2.96
CA LYS B 344 19.71 -21.94 -2.35
C LYS B 344 18.45 -22.50 -1.70
N GLY B 345 17.38 -21.72 -1.59
CA GLY B 345 16.18 -22.17 -0.94
C GLY B 345 16.18 -21.97 0.57
N ASP B 346 17.18 -21.30 1.13
CA ASP B 346 17.20 -20.95 2.55
C ASP B 346 16.38 -19.68 2.72
N TYR B 347 15.05 -19.86 2.79
CA TYR B 347 14.15 -18.71 2.78
C TYR B 347 14.13 -17.96 4.10
N ILE B 348 14.43 -18.63 5.22
CA ILE B 348 14.52 -17.91 6.50
C ILE B 348 15.69 -16.95 6.48
N ALA B 349 16.85 -17.41 6.00
CA ALA B 349 18.01 -16.53 5.88
C ALA B 349 17.74 -15.39 4.91
N ALA B 350 17.02 -15.66 3.82
CA ALA B 350 16.70 -14.61 2.85
C ALA B 350 15.80 -13.56 3.47
N ALA B 351 14.78 -13.97 4.21
CA ALA B 351 13.85 -13.04 4.82
C ALA B 351 14.51 -12.23 5.93
N ILE B 352 15.39 -12.86 6.72
CA ILE B 352 16.11 -12.10 7.73
C ILE B 352 16.98 -11.04 7.08
N ALA B 353 17.64 -11.39 5.97
CA ALA B 353 18.48 -10.44 5.26
C ALA B 353 17.66 -9.30 4.67
N ALA B 354 16.45 -9.61 4.18
CA ALA B 354 15.56 -8.55 3.72
C ALA B 354 15.26 -7.56 4.85
N ILE B 355 15.08 -8.06 6.07
CA ILE B 355 14.85 -7.19 7.21
C ILE B 355 16.05 -6.26 7.39
N ALA B 356 17.26 -6.82 7.36
CA ALA B 356 18.47 -6.01 7.49
C ALA B 356 18.54 -4.94 6.41
N ALA B 357 18.15 -5.27 5.19
CA ALA B 357 18.16 -4.27 4.11
C ALA B 357 17.17 -3.15 4.38
N ALA B 358 15.94 -3.51 4.77
CA ALA B 358 14.95 -2.47 5.05
C ALA B 358 15.36 -1.60 6.23
N ILE B 359 16.00 -2.19 7.25
CA ILE B 359 16.49 -1.39 8.38
C ILE B 359 17.60 -0.44 7.92
N ALA B 360 18.46 -0.90 7.01
CA ALA B 360 19.52 -0.04 6.51
C ALA B 360 18.97 1.18 5.77
N VAL B 361 17.82 1.04 5.12
CA VAL B 361 17.25 2.20 4.42
C VAL B 361 16.65 3.20 5.40
N ILE B 362 16.13 2.71 6.55
CA ILE B 362 15.72 3.63 7.61
C ILE B 362 16.91 4.48 8.05
N ALA B 363 18.06 3.83 8.30
CA ALA B 363 19.26 4.59 8.63
C ALA B 363 19.60 5.59 7.53
N ALA B 364 19.53 5.16 6.27
CA ALA B 364 19.80 6.06 5.15
C ALA B 364 18.80 7.22 5.11
N ALA B 365 17.52 6.93 5.36
CA ALA B 365 16.52 7.99 5.34
C ALA B 365 16.73 8.99 6.47
N ILE B 366 16.98 8.48 7.69
CA ILE B 366 17.23 9.39 8.80
C ILE B 366 18.51 10.18 8.56
N ALA B 367 19.56 9.52 8.06
CA ALA B 367 20.80 10.23 7.80
C ALA B 367 20.60 11.30 6.73
N ALA B 368 19.75 11.03 5.75
CA ALA B 368 19.45 12.04 4.73
C ALA B 368 18.74 13.23 5.36
N ILE B 369 17.83 12.97 6.31
CA ILE B 369 17.16 14.06 7.01
C ILE B 369 18.18 14.93 7.74
N ALA B 370 19.10 14.30 8.47
CA ALA B 370 20.08 15.05 9.24
C ALA B 370 20.98 15.89 8.35
N ALA B 371 21.47 15.31 7.25
CA ALA B 371 22.35 16.07 6.36
C ALA B 371 21.59 17.14 5.58
N GLY B 372 20.28 17.02 5.43
CA GLY B 372 19.52 17.98 4.66
C GLY B 372 19.80 17.97 3.17
N ASP B 373 20.35 16.89 2.64
CA ASP B 373 20.63 16.79 1.22
C ASP B 373 19.45 16.17 0.49
N LYS B 374 18.98 16.83 -0.56
CA LYS B 374 17.84 16.32 -1.31
C LYS B 374 18.23 15.13 -2.19
N GLU B 375 19.46 15.12 -2.70
CA GLU B 375 19.91 13.98 -3.51
C GLU B 375 19.97 12.70 -2.68
N GLU B 376 20.34 12.82 -1.41
CA GLU B 376 20.36 11.63 -0.56
C GLU B 376 18.96 11.16 -0.22
N ALA B 377 18.02 12.09 -0.03
CA ALA B 377 16.64 11.73 0.27
C ALA B 377 15.97 11.01 -0.91
N LYS B 378 16.17 11.52 -2.13
CA LYS B 378 15.59 10.86 -3.30
C LYS B 378 16.14 9.44 -3.45
N GLU B 379 17.44 9.27 -3.24
CA GLU B 379 18.04 7.94 -3.32
C GLU B 379 17.54 7.02 -2.21
N ALA B 380 17.42 7.54 -0.98
CA ALA B 380 16.87 6.74 0.09
C ALA B 380 15.45 6.30 -0.22
N TYR B 381 14.64 7.19 -0.79
CA TYR B 381 13.29 6.83 -1.22
C TYR B 381 13.33 5.66 -2.19
N LYS B 382 14.18 5.74 -3.22
CA LYS B 382 14.25 4.69 -4.22
C LYS B 382 14.77 3.37 -3.63
N LEU B 383 15.74 3.46 -2.71
CA LEU B 383 16.22 2.25 -2.05
C LEU B 383 15.13 1.61 -1.19
N ALA B 384 14.26 2.41 -0.58
CA ALA B 384 13.16 1.84 0.19
C ALA B 384 12.17 1.10 -0.71
N LYS B 385 11.82 1.68 -1.86
CA LYS B 385 10.96 0.98 -2.80
C LYS B 385 11.60 -0.32 -3.28
N GLU B 386 12.92 -0.32 -3.43
CA GLU B 386 13.59 -1.54 -3.87
C GLU B 386 13.59 -2.60 -2.77
N ALA B 387 13.83 -2.19 -1.52
CA ALA B 387 13.81 -3.16 -0.42
C ALA B 387 12.44 -3.82 -0.29
N LYS B 388 11.37 -3.04 -0.44
CA LYS B 388 10.03 -3.60 -0.38
C LYS B 388 9.81 -4.65 -1.47
N GLU B 389 10.30 -4.37 -2.69
CA GLU B 389 10.10 -5.33 -3.78
C GLU B 389 10.85 -6.62 -3.52
N LYS B 390 12.08 -6.52 -3.02
CA LYS B 390 12.85 -7.74 -2.72
C LYS B 390 12.19 -8.55 -1.61
N ALA B 391 11.69 -7.88 -0.57
CA ALA B 391 11.00 -8.60 0.50
C ALA B 391 9.71 -9.23 -0.02
N LYS B 392 8.97 -8.50 -0.85
CA LYS B 392 7.74 -9.04 -1.42
C LYS B 392 8.02 -10.27 -2.27
N GLU B 393 9.10 -10.23 -3.06
CA GLU B 393 9.48 -11.38 -3.87
C GLU B 393 9.80 -12.60 -2.99
N ILE B 394 10.57 -12.38 -1.93
CA ILE B 394 10.96 -13.48 -1.06
C ILE B 394 9.74 -14.08 -0.35
N ALA B 395 8.86 -13.21 0.15
CA ALA B 395 7.64 -13.71 0.80
C ALA B 395 6.81 -14.56 -0.15
N LYS B 396 6.74 -14.16 -1.43
CA LYS B 396 5.96 -14.91 -2.40
C LYS B 396 6.57 -16.28 -2.66
N GLU B 397 7.88 -16.33 -2.93
CA GLU B 397 8.54 -17.61 -3.19
C GLU B 397 8.49 -18.51 -1.95
N ALA B 398 8.71 -17.94 -0.76
CA ALA B 398 8.70 -18.74 0.46
C ALA B 398 7.32 -19.34 0.72
N LYS B 399 6.26 -18.55 0.54
CA LYS B 399 4.91 -19.06 0.74
C LYS B 399 4.60 -20.20 -0.21
N LYS B 400 4.95 -20.04 -1.49
CA LYS B 400 4.73 -21.10 -2.47
C LYS B 400 5.59 -22.32 -2.21
N ALA B 401 6.69 -22.17 -1.48
CA ALA B 401 7.56 -23.27 -1.11
C ALA B 401 7.12 -23.94 0.19
N GLY B 402 6.04 -23.47 0.79
CA GLY B 402 5.58 -24.03 2.05
C GLY B 402 6.37 -23.62 3.27
N ASP B 403 7.06 -22.48 3.22
CA ASP B 403 7.81 -21.95 4.35
C ASP B 403 7.05 -20.73 4.86
N LYS B 404 6.05 -20.98 5.70
CA LYS B 404 5.16 -19.91 6.14
C LYS B 404 5.88 -18.92 7.07
N ILE B 405 6.78 -19.42 7.93
CA ILE B 405 7.44 -18.53 8.88
C ILE B 405 8.37 -17.58 8.15
N ALA B 406 9.11 -18.07 7.14
CA ALA B 406 9.96 -17.19 6.35
C ALA B 406 9.13 -16.18 5.57
N ALA B 407 7.99 -16.60 5.04
CA ALA B 407 7.11 -15.68 4.34
C ALA B 407 6.68 -14.54 5.26
N ALA B 408 6.39 -14.85 6.52
CA ALA B 408 5.93 -13.84 7.45
C ALA B 408 7.07 -12.91 7.87
N ILE B 409 8.27 -13.47 8.09
CA ILE B 409 9.44 -12.64 8.37
C ILE B 409 9.71 -11.68 7.22
N ALA B 410 9.49 -12.14 5.97
CA ALA B 410 9.65 -11.23 4.84
C ALA B 410 8.57 -10.16 4.80
N GLU B 411 7.36 -10.48 5.28
CA GLU B 411 6.33 -9.44 5.38
C GLU B 411 6.76 -8.34 6.33
N ILE B 412 7.47 -8.70 7.41
CA ILE B 412 8.00 -7.68 8.32
C ILE B 412 8.96 -6.76 7.59
N ALA B 413 9.85 -7.34 6.78
CA ALA B 413 10.79 -6.53 5.99
C ALA B 413 10.03 -5.57 5.09
N GLN B 414 8.95 -6.04 4.45
CA GLN B 414 8.13 -5.17 3.61
C GLN B 414 7.61 -3.98 4.41
N ALA B 415 7.11 -4.26 5.62
CA ALA B 415 6.56 -3.20 6.46
C ALA B 415 7.65 -2.25 6.94
N ILE B 416 8.82 -2.79 7.31
CA ILE B 416 9.92 -1.90 7.69
C ILE B 416 10.33 -1.02 6.50
N ALA B 417 10.35 -1.59 5.29
CA ALA B 417 10.62 -0.78 4.11
C ALA B 417 9.58 0.32 3.92
N GLU B 418 8.34 0.08 4.34
CA GLU B 418 7.32 1.13 4.27
C GLU B 418 7.63 2.27 5.22
N ILE B 419 8.18 1.96 6.40
CA ILE B 419 8.62 3.02 7.31
C ILE B 419 9.77 3.80 6.69
N ALA B 420 10.74 3.10 6.10
CA ALA B 420 11.85 3.78 5.44
C ALA B 420 11.34 4.69 4.32
N GLN B 421 10.33 4.24 3.58
CA GLN B 421 9.78 5.09 2.53
C GLN B 421 9.12 6.33 3.11
N ALA B 422 8.36 6.16 4.21
CA ALA B 422 7.67 7.30 4.81
C ALA B 422 8.66 8.31 5.38
N ILE B 423 9.71 7.84 6.05
CA ILE B 423 10.73 8.76 6.55
C ILE B 423 11.41 9.46 5.40
N ALA B 424 11.74 8.72 4.34
CA ALA B 424 12.35 9.36 3.18
C ALA B 424 11.41 10.39 2.56
N GLU B 425 10.10 10.12 2.59
CA GLU B 425 9.16 11.08 2.03
C GLU B 425 9.15 12.39 2.82
N ILE B 426 9.41 12.31 4.13
CA ILE B 426 9.50 13.52 4.94
C ILE B 426 10.63 14.40 4.45
N ALA B 427 11.81 13.82 4.25
CA ALA B 427 12.97 14.59 3.80
C ALA B 427 12.74 15.19 2.41
N LEU B 428 12.11 14.44 1.51
CA LEU B 428 11.88 14.91 0.16
C LEU B 428 10.78 15.97 0.12
#